data_9RP3
#
_entry.id   9RP3
#
_cell.length_a   1.00
_cell.length_b   1.00
_cell.length_c   1.00
_cell.angle_alpha   90.00
_cell.angle_beta   90.00
_cell.angle_gamma   90.00
#
_symmetry.space_group_name_H-M   'P 1'
#
_entity_poly.entity_id   1
_entity_poly.type   'polypeptide(L)'
_entity_poly.pdbx_seq_one_letter_code
;MNYAQYNLPVDFESVDTSTFDPNLPNGNYLFSLPLQLSPHQQHPQLQPYFNGVIGLFRLNAQNAATTTQLHAFAYNLLSS
NGFQNNYYQQWAQKVIDFLEFLFIHRQMVNNPQQAMQQAASLVWSGFVGKCAQTFPQLQSLVQHLMPNIQQALGVIGQIE
SDIQKMRMGGNTMMQGGYQQPGVQPGSFPGMGAAMGRPGMSSQLPPINAGIQQTYGQPATMANPQLNIPGAYTPTTNHDT
GPSIANAAYDVPGSSPFLENKPVMQPKDSWGATVEVSPNSSYDTIPGGGDVMILPELQQNANTVTNDNTDLPIPQDVKEL
VFDPNYYVPNGFVINKDRPMDVIYNPGGIEIRPAHLVADKPDWVRTASSANPYSILMDPAVYCRFLAKWPDNTVHEVYRK
WENHMEMDYLKHELQDDLRRQAHRGGGARTATSYKLSTIMGDAKPVKEVAEEFSPNDAGLTDNREHDPVILEGYIACANN
LEAEAGALNAVREALELSEDDVVPAHEYRAASSHPFDASTEVMYEIEDIRKEPDPHLIAKRLKQLMLDGKLAQRYYRFLV
ERLTSAVNEFLADSMSQKVTIDDFCEDIGDLIAYLIGKKGKSVADKFTASIPFIVGRSMCVNIDPEEGNSILDLSVRFQT
GWRLEELSCLNIYTEKAVLISKLTEPKITQVIMGMAKRLNSSKDSDDARTHKMYIITADGSYLQVIRGALVDNAVLLKLI
K
;
_entity_poly.pdbx_strand_id   A,B
#
# COMPACT_ATOMS: atom_id res chain seq x y z
N PRO A 314 -39.30 -16.00 8.40
CA PRO A 314 -38.62 -15.53 9.61
C PRO A 314 -38.29 -14.04 9.56
N GLN A 315 -38.52 -13.35 10.68
CA GLN A 315 -38.22 -11.92 10.80
C GLN A 315 -36.87 -11.65 11.45
N ASP A 316 -36.10 -12.68 11.79
CA ASP A 316 -34.88 -12.51 12.57
C ASP A 316 -33.83 -13.50 12.11
N VAL A 317 -32.58 -13.24 12.50
CA VAL A 317 -31.50 -14.19 12.30
C VAL A 317 -31.71 -15.42 13.19
N LYS A 318 -32.15 -15.20 14.43
CA LYS A 318 -32.39 -16.30 15.36
C LYS A 318 -33.54 -17.19 14.91
N GLU A 319 -34.45 -16.68 14.09
CA GLU A 319 -35.62 -17.43 13.66
C GLU A 319 -35.37 -18.27 12.41
N LEU A 320 -34.15 -18.28 11.90
CA LEU A 320 -33.82 -19.08 10.73
C LEU A 320 -33.93 -20.56 11.05
N VAL A 321 -34.51 -21.32 10.11
CA VAL A 321 -34.64 -22.77 10.24
C VAL A 321 -33.55 -23.41 9.40
N PHE A 322 -32.70 -24.21 10.05
CA PHE A 322 -31.54 -24.81 9.39
C PHE A 322 -31.90 -26.21 8.90
N ASP A 323 -32.81 -26.24 7.94
CA ASP A 323 -33.25 -27.50 7.35
C ASP A 323 -33.54 -27.28 5.86
N PRO A 324 -32.78 -27.93 4.98
CA PRO A 324 -33.06 -27.79 3.54
C PRO A 324 -34.45 -28.25 3.14
N ASN A 325 -35.01 -29.24 3.84
CA ASN A 325 -36.34 -29.75 3.53
C ASN A 325 -37.45 -28.97 4.22
N TYR A 326 -37.12 -27.98 5.05
CA TYR A 326 -38.15 -27.21 5.74
C TYR A 326 -39.01 -26.44 4.75
N TYR A 327 -38.39 -25.84 3.73
CA TYR A 327 -39.12 -25.09 2.71
C TYR A 327 -38.44 -25.33 1.37
N VAL A 328 -39.12 -26.00 0.46
CA VAL A 328 -38.59 -26.28 -0.87
C VAL A 328 -39.37 -25.47 -1.90
N PRO A 329 -38.76 -24.47 -2.53
CA PRO A 329 -39.49 -23.69 -3.54
C PRO A 329 -39.74 -24.50 -4.80
N ASN A 330 -40.73 -24.07 -5.56
CA ASN A 330 -41.08 -24.74 -6.81
C ASN A 330 -39.95 -24.63 -7.81
N GLY A 331 -39.61 -25.77 -8.43
CA GLY A 331 -38.58 -25.81 -9.45
C GLY A 331 -37.18 -26.05 -8.94
N PHE A 332 -36.98 -26.10 -7.62
CA PHE A 332 -35.66 -26.31 -7.05
C PHE A 332 -35.50 -27.78 -6.66
N VAL A 333 -34.34 -28.36 -6.99
CA VAL A 333 -34.03 -29.74 -6.69
C VAL A 333 -32.86 -29.75 -5.71
N ILE A 334 -33.06 -30.40 -4.57
CA ILE A 334 -32.02 -30.47 -3.54
C ILE A 334 -31.02 -31.56 -3.92
N ASN A 335 -29.73 -31.20 -3.96
CA ASN A 335 -28.69 -32.16 -4.25
C ASN A 335 -28.51 -33.11 -3.07
N LYS A 336 -28.65 -34.41 -3.31
CA LYS A 336 -28.51 -35.38 -2.23
C LYS A 336 -27.08 -35.42 -1.70
N ASP A 337 -26.08 -35.35 -2.59
CA ASP A 337 -24.69 -35.40 -2.16
C ASP A 337 -24.24 -34.09 -1.51
N ARG A 338 -24.82 -32.96 -1.91
CA ARG A 338 -24.47 -31.66 -1.32
C ARG A 338 -25.75 -30.93 -0.92
N PRO A 339 -26.43 -31.40 0.12
CA PRO A 339 -27.71 -30.78 0.51
C PRO A 339 -27.56 -29.45 1.21
N MET A 340 -26.36 -29.12 1.72
CA MET A 340 -26.15 -27.92 2.50
C MET A 340 -25.73 -26.73 1.66
N ASP A 341 -25.65 -26.89 0.34
CA ASP A 341 -25.20 -25.80 -0.52
C ASP A 341 -26.19 -24.64 -0.50
N VAL A 342 -27.49 -24.93 -0.56
CA VAL A 342 -28.52 -23.89 -0.62
C VAL A 342 -29.57 -24.20 0.44
N ILE A 343 -29.95 -23.20 1.22
CA ILE A 343 -31.01 -23.31 2.21
C ILE A 343 -32.06 -22.25 1.90
N TYR A 344 -33.32 -22.67 1.85
CA TYR A 344 -34.44 -21.78 1.58
C TYR A 344 -35.33 -21.64 2.81
N ASN A 345 -35.71 -20.41 3.11
CA ASN A 345 -36.58 -20.07 4.23
C ASN A 345 -37.67 -19.10 3.78
N PRO A 346 -38.85 -19.17 4.40
CA PRO A 346 -40.00 -18.42 3.89
C PRO A 346 -39.74 -16.93 3.86
N GLY A 347 -40.37 -16.26 2.89
CA GLY A 347 -40.11 -14.87 2.60
C GLY A 347 -38.98 -14.64 1.63
N GLY A 348 -38.29 -15.68 1.21
CA GLY A 348 -37.18 -15.54 0.29
C GLY A 348 -35.81 -15.49 0.92
N ILE A 349 -35.63 -16.07 2.10
CA ILE A 349 -34.34 -16.05 2.77
C ILE A 349 -33.49 -17.20 2.22
N GLU A 350 -32.28 -16.89 1.78
CA GLU A 350 -31.43 -17.88 1.12
C GLU A 350 -30.07 -17.93 1.80
N ILE A 351 -29.72 -19.10 2.32
CA ILE A 351 -28.48 -19.29 3.08
C ILE A 351 -27.53 -20.12 2.24
N ARG A 352 -26.31 -19.62 2.06
CA ARG A 352 -25.27 -20.33 1.32
C ARG A 352 -23.98 -20.29 2.11
N PRO A 353 -23.14 -21.32 1.98
CA PRO A 353 -21.82 -21.26 2.61
C PRO A 353 -21.02 -20.06 2.12
N ALA A 354 -20.23 -19.49 3.04
CA ALA A 354 -19.51 -18.26 2.72
C ALA A 354 -18.51 -18.47 1.60
N HIS A 355 -17.82 -19.62 1.59
CA HIS A 355 -16.75 -19.83 0.64
C HIS A 355 -17.25 -20.31 -0.73
N LEU A 356 -18.55 -20.52 -0.88
CA LEU A 356 -19.11 -20.67 -2.22
C LEU A 356 -19.51 -19.35 -2.85
N VAL A 357 -19.58 -18.27 -2.07
CA VAL A 357 -20.05 -16.97 -2.54
C VAL A 357 -19.06 -15.86 -2.23
N ALA A 358 -17.79 -16.20 -2.05
CA ALA A 358 -16.79 -15.19 -1.68
C ALA A 358 -16.52 -14.22 -2.82
N ASP A 359 -16.65 -14.68 -4.07
CA ASP A 359 -16.32 -13.86 -5.22
C ASP A 359 -17.54 -13.19 -5.87
N LYS A 360 -18.73 -13.39 -5.31
CA LYS A 360 -19.93 -12.81 -5.88
C LYS A 360 -20.16 -11.41 -5.32
N PRO A 361 -20.26 -10.38 -6.16
CA PRO A 361 -20.43 -9.02 -5.63
C PRO A 361 -21.74 -8.80 -4.89
N ASP A 362 -22.75 -9.65 -5.10
CA ASP A 362 -24.02 -9.52 -4.43
C ASP A 362 -24.08 -10.31 -3.12
N TRP A 363 -22.97 -10.93 -2.70
CA TRP A 363 -22.91 -11.68 -1.46
C TRP A 363 -21.92 -11.05 -0.47
N VAL A 364 -21.95 -9.73 -0.35
CA VAL A 364 -21.10 -9.03 0.61
C VAL A 364 -21.94 -8.67 1.83
N ARG A 365 -21.38 -8.88 3.01
CA ARG A 365 -22.09 -8.58 4.25
C ARG A 365 -22.49 -7.12 4.33
N THR A 366 -23.73 -6.88 4.73
CA THR A 366 -24.27 -5.54 4.87
C THR A 366 -24.10 -5.08 6.31
N ALA A 367 -23.28 -4.05 6.52
CA ALA A 367 -23.08 -3.50 7.85
C ALA A 367 -24.28 -2.64 8.24
N SER A 368 -24.81 -2.87 9.44
CA SER A 368 -25.97 -2.16 9.93
C SER A 368 -25.71 -1.68 11.35
N SER A 369 -26.75 -1.11 11.97
CA SER A 369 -26.63 -0.64 13.34
C SER A 369 -26.44 -1.79 14.33
N ALA A 370 -27.17 -2.89 14.13
CA ALA A 370 -27.09 -4.01 15.07
C ALA A 370 -25.75 -4.73 14.99
N ASN A 371 -25.28 -5.03 13.79
CA ASN A 371 -24.03 -5.76 13.57
C ASN A 371 -23.16 -4.99 12.58
N PRO A 372 -22.57 -3.87 13.01
CA PRO A 372 -21.75 -3.08 12.08
C PRO A 372 -20.50 -3.81 11.61
N TYR A 373 -20.05 -4.84 12.32
CA TYR A 373 -18.82 -5.53 11.98
C TYR A 373 -19.07 -7.03 11.86
N SER A 374 -18.19 -7.69 11.11
CA SER A 374 -18.11 -9.14 11.12
C SER A 374 -17.66 -9.61 12.51
N ILE A 375 -17.75 -10.93 12.73
CA ILE A 375 -17.38 -11.52 14.01
C ILE A 375 -16.27 -12.52 13.78
N LEU A 376 -15.19 -12.38 14.55
CA LEU A 376 -14.12 -13.38 14.57
C LEU A 376 -14.64 -14.64 15.26
N MET A 377 -14.38 -15.79 14.67
CA MET A 377 -14.91 -17.05 15.18
C MET A 377 -13.86 -18.16 15.08
N ASP A 378 -14.15 -19.27 15.73
CA ASP A 378 -13.29 -20.43 15.66
C ASP A 378 -13.67 -21.28 14.45
N PRO A 379 -12.81 -21.43 13.45
CA PRO A 379 -13.17 -22.26 12.29
C PRO A 379 -13.31 -23.74 12.63
N ALA A 380 -12.67 -24.22 13.69
CA ALA A 380 -12.79 -25.62 14.06
C ALA A 380 -14.08 -25.91 14.80
N VAL A 381 -14.80 -24.87 15.23
CA VAL A 381 -16.05 -25.06 15.95
C VAL A 381 -17.27 -24.62 15.15
N TYR A 382 -17.21 -23.45 14.50
CA TYR A 382 -18.36 -22.92 13.77
C TYR A 382 -18.04 -22.87 12.28
N CYS A 383 -19.08 -23.07 11.48
CA CYS A 383 -19.03 -22.89 10.04
C CYS A 383 -19.80 -21.62 9.69
N ARG A 384 -19.22 -20.82 8.80
CA ARG A 384 -19.80 -19.56 8.36
C ARG A 384 -20.79 -19.80 7.23
N PHE A 385 -21.96 -19.18 7.33
CA PHE A 385 -22.93 -19.13 6.26
C PHE A 385 -23.41 -17.69 6.10
N LEU A 386 -23.70 -17.32 4.86
CA LEU A 386 -24.24 -16.00 4.54
C LEU A 386 -25.71 -16.15 4.18
N ALA A 387 -26.55 -15.35 4.83
CA ALA A 387 -27.98 -15.35 4.61
C ALA A 387 -28.37 -14.09 3.88
N LYS A 388 -29.01 -14.24 2.72
CA LYS A 388 -29.46 -13.13 1.90
C LYS A 388 -30.97 -13.02 2.03
N TRP A 389 -31.45 -11.82 2.34
CA TRP A 389 -32.85 -11.52 2.55
C TRP A 389 -33.44 -10.86 1.30
N PRO A 390 -34.77 -10.79 1.20
CA PRO A 390 -35.38 -10.16 0.01
C PRO A 390 -34.94 -8.73 -0.21
N ASP A 391 -34.60 -7.98 0.85
CA ASP A 391 -34.13 -6.61 0.70
C ASP A 391 -32.64 -6.53 0.39
N ASN A 392 -32.04 -7.62 -0.10
CA ASN A 392 -30.63 -7.71 -0.46
C ASN A 392 -29.72 -7.35 0.71
N THR A 393 -30.00 -7.87 1.89
CA THR A 393 -29.10 -7.72 3.03
C THR A 393 -28.48 -9.05 3.38
N VAL A 394 -27.16 -9.06 3.54
CA VAL A 394 -26.40 -10.28 3.78
C VAL A 394 -25.94 -10.29 5.23
N HIS A 395 -26.31 -11.35 5.95
CA HIS A 395 -25.98 -11.49 7.36
C HIS A 395 -25.17 -12.76 7.59
N GLU A 396 -24.49 -12.83 8.73
CA GLU A 396 -23.69 -13.99 9.10
C GLU A 396 -24.49 -14.93 9.99
N VAL A 397 -24.30 -16.23 9.79
CA VAL A 397 -24.77 -17.25 10.71
C VAL A 397 -23.65 -18.25 10.92
N TYR A 398 -23.24 -18.45 12.17
CA TYR A 398 -22.23 -19.43 12.52
C TYR A 398 -22.90 -20.65 13.14
N ARG A 399 -22.75 -21.78 12.48
CA ARG A 399 -23.42 -23.01 12.92
C ARG A 399 -22.37 -24.03 13.36
N LYS A 400 -22.57 -24.60 14.54
CA LYS A 400 -21.58 -25.51 15.11
C LYS A 400 -21.45 -26.78 14.27
N TRP A 401 -20.21 -27.26 14.15
CA TRP A 401 -19.96 -28.53 13.46
C TRP A 401 -20.65 -29.68 14.19
N GLU A 402 -20.57 -29.69 15.51
CA GLU A 402 -21.10 -30.80 16.31
C GLU A 402 -22.62 -30.88 16.26
N ASN A 403 -23.30 -29.83 15.79
CA ASN A 403 -24.75 -29.82 15.73
C ASN A 403 -25.31 -30.23 14.38
N HIS A 404 -24.45 -30.46 13.38
CA HIS A 404 -24.89 -30.84 12.03
C HIS A 404 -23.83 -31.75 11.41
N MET A 405 -24.15 -33.04 11.32
CA MET A 405 -23.26 -33.97 10.62
C MET A 405 -23.25 -33.72 9.12
N GLU A 406 -24.38 -33.35 8.53
CA GLU A 406 -24.51 -33.18 7.09
C GLU A 406 -23.61 -32.08 6.54
N MET A 407 -23.14 -31.16 7.38
CA MET A 407 -22.23 -30.11 6.94
C MET A 407 -20.79 -30.59 6.86
N ASP A 408 -20.51 -31.82 7.28
CA ASP A 408 -19.13 -32.29 7.41
C ASP A 408 -18.37 -32.16 6.09
N TYR A 409 -18.99 -32.52 4.97
CA TYR A 409 -18.31 -32.43 3.68
C TYR A 409 -17.82 -31.02 3.41
N LEU A 410 -18.62 -30.00 3.77
CA LEU A 410 -18.16 -28.62 3.63
C LEU A 410 -16.82 -28.41 4.33
N LYS A 411 -16.72 -28.87 5.58
CA LYS A 411 -15.45 -28.81 6.30
C LYS A 411 -14.34 -29.43 5.47
N HIS A 412 -14.58 -30.63 4.94
CA HIS A 412 -13.57 -31.31 4.13
C HIS A 412 -13.17 -30.46 2.94
N GLU A 413 -14.13 -29.78 2.31
CA GLU A 413 -13.79 -28.87 1.22
C GLU A 413 -12.79 -27.82 1.69
N LEU A 414 -13.09 -27.16 2.81
CA LEU A 414 -12.20 -26.14 3.34
C LEU A 414 -10.85 -26.75 3.71
N GLN A 415 -10.80 -28.06 3.92
CA GLN A 415 -9.55 -28.71 4.29
C GLN A 415 -8.78 -29.20 3.07
N ASP A 416 -9.46 -29.39 1.93
CA ASP A 416 -8.86 -30.10 0.81
C ASP A 416 -9.00 -29.39 -0.52
N ASP A 417 -9.53 -28.16 -0.55
CA ASP A 417 -9.62 -27.43 -1.80
C ASP A 417 -8.22 -27.06 -2.29
N LEU A 418 -8.05 -27.06 -3.61
CA LEU A 418 -6.74 -26.76 -4.19
C LEU A 418 -6.31 -25.34 -3.83
N ARG A 419 -7.25 -24.40 -3.81
CA ARG A 419 -6.96 -23.03 -3.42
C ARG A 419 -6.51 -22.91 -1.97
N ARG A 420 -7.12 -23.67 -1.07
CA ARG A 420 -6.88 -23.56 0.36
C ARG A 420 -5.64 -24.31 0.83
N GLN A 421 -4.97 -25.03 -0.07
CA GLN A 421 -3.80 -25.81 0.34
C GLN A 421 -2.66 -24.92 0.82
N ALA A 422 -2.68 -23.63 0.49
CA ALA A 422 -1.65 -22.70 0.96
C ALA A 422 -1.89 -22.23 2.39
N HIS A 423 -3.02 -22.55 2.97
CA HIS A 423 -3.40 -22.02 4.28
C HIS A 423 -3.71 -23.10 5.31
N ARG A 424 -4.09 -24.30 4.87
CA ARG A 424 -4.48 -25.36 5.77
C ARG A 424 -3.40 -26.43 5.88
N GLY A 425 -3.52 -27.27 6.91
CA GLY A 425 -2.57 -28.34 7.10
C GLY A 425 -2.92 -29.59 6.32
N GLY A 426 -2.05 -30.57 6.41
CA GLY A 426 -2.25 -31.84 5.73
C GLY A 426 -1.04 -32.27 4.91
N GLY A 427 -0.87 -33.57 4.75
CA GLY A 427 0.26 -34.07 4.00
C GLY A 427 1.58 -33.67 4.64
N ALA A 428 2.50 -33.17 3.81
CA ALA A 428 3.81 -32.74 4.28
C ALA A 428 3.88 -31.23 4.51
N ARG A 429 2.77 -30.51 4.37
CA ARG A 429 2.77 -29.07 4.52
C ARG A 429 3.07 -28.68 5.96
N THR A 430 3.99 -27.73 6.12
CA THR A 430 4.31 -27.14 7.41
C THR A 430 4.17 -25.63 7.32
N ALA A 431 3.45 -25.05 8.28
CA ALA A 431 3.21 -23.61 8.26
C ALA A 431 4.51 -22.83 8.43
N THR A 432 5.40 -23.31 9.29
CA THR A 432 6.65 -22.65 9.57
C THR A 432 7.80 -23.63 9.42
N SER A 433 9.00 -23.09 9.16
CA SER A 433 10.20 -23.90 9.07
C SER A 433 10.59 -24.50 10.41
N TYR A 434 10.03 -24.01 11.50
CA TYR A 434 10.30 -24.52 12.84
C TYR A 434 9.01 -25.06 13.45
N LYS A 435 9.13 -25.55 14.68
CA LYS A 435 7.97 -26.07 15.39
C LYS A 435 7.45 -24.99 16.35
N LEU A 436 6.18 -24.62 16.18
CA LEU A 436 5.57 -23.53 16.93
C LEU A 436 4.37 -24.06 17.71
N SER A 437 4.37 -23.80 19.02
CA SER A 437 3.34 -24.33 19.90
C SER A 437 1.98 -23.71 19.59
N THR A 438 0.94 -24.53 19.68
CA THR A 438 -0.43 -24.09 19.47
C THR A 438 -1.15 -23.75 20.76
N ILE A 439 -0.43 -23.51 21.85
CA ILE A 439 -1.06 -23.13 23.11
C ILE A 439 -1.20 -21.62 23.16
N MET A 440 -2.43 -21.14 23.25
CA MET A 440 -2.70 -19.72 23.44
C MET A 440 -3.13 -19.48 24.88
N GLY A 441 -3.15 -18.22 25.26
CA GLY A 441 -3.54 -17.83 26.60
C GLY A 441 -2.80 -16.56 26.99
N ASP A 442 -2.90 -16.23 28.29
CA ASP A 442 -2.16 -15.09 28.79
C ASP A 442 -0.66 -15.36 28.73
N ALA A 443 0.10 -14.33 28.41
CA ALA A 443 1.54 -14.47 28.30
C ALA A 443 2.22 -13.98 29.57
N LYS A 444 3.42 -14.51 29.82
CA LYS A 444 4.16 -14.20 31.03
C LYS A 444 5.56 -13.73 30.69
N PRO A 445 6.21 -12.96 31.58
CA PRO A 445 7.58 -12.53 31.32
C PRO A 445 8.51 -13.72 31.09
N VAL A 446 9.47 -13.53 30.18
CA VAL A 446 10.29 -14.65 29.71
C VAL A 446 11.16 -15.21 30.83
N LYS A 447 11.59 -14.37 31.77
CA LYS A 447 12.57 -14.81 32.76
C LYS A 447 11.98 -15.87 33.69
N GLU A 448 10.77 -15.64 34.21
CA GLU A 448 10.18 -16.60 35.12
C GLU A 448 9.82 -17.90 34.42
N VAL A 449 9.33 -17.81 33.18
CA VAL A 449 9.02 -19.02 32.41
C VAL A 449 10.29 -19.82 32.15
N ALA A 450 11.37 -19.14 31.79
CA ALA A 450 12.64 -19.83 31.54
C ALA A 450 13.19 -20.47 32.81
N GLU A 451 13.11 -19.76 33.94
CA GLU A 451 13.65 -20.31 35.18
C GLU A 451 12.78 -21.45 35.70
N GLU A 452 11.49 -21.45 35.36
CA GLU A 452 10.62 -22.54 35.77
C GLU A 452 11.04 -23.86 35.13
N PHE A 453 11.42 -23.84 33.85
CA PHE A 453 11.85 -25.04 33.16
C PHE A 453 13.32 -25.34 33.48
N ARG A 464 7.20 -30.51 28.68
CA ARG A 464 5.94 -29.85 28.38
C ARG A 464 6.15 -28.62 27.51
N GLU A 465 5.12 -28.25 26.76
CA GLU A 465 5.20 -27.05 25.92
C GLU A 465 5.14 -25.80 26.79
N HIS A 466 5.92 -24.80 26.42
CA HIS A 466 5.96 -23.55 27.18
C HIS A 466 4.65 -22.78 27.02
N ASP A 467 4.30 -22.00 28.04
CA ASP A 467 3.20 -21.07 27.95
C ASP A 467 3.61 -19.87 27.10
N PRO A 468 2.65 -19.05 26.66
CA PRO A 468 3.00 -17.85 25.90
C PRO A 468 3.94 -16.95 26.69
N VAL A 469 4.85 -16.31 25.96
CA VAL A 469 6.00 -15.63 26.53
C VAL A 469 5.98 -14.17 26.12
N ILE A 470 6.59 -13.31 26.94
CA ILE A 470 6.76 -11.88 26.65
C ILE A 470 8.25 -11.59 26.62
N LEU A 471 8.70 -10.93 25.56
CA LEU A 471 10.10 -10.52 25.46
C LEU A 471 10.26 -9.07 25.90
N GLU A 472 11.49 -8.71 26.25
CA GLU A 472 11.83 -7.36 26.66
C GLU A 472 12.51 -6.61 25.53
N GLY A 473 12.48 -5.29 25.61
CA GLY A 473 13.11 -4.45 24.62
C GLY A 473 12.31 -4.37 23.33
N TYR A 474 13.01 -3.94 22.28
CA TYR A 474 12.42 -3.78 20.96
C TYR A 474 13.27 -4.51 19.93
N ILE A 475 12.62 -5.05 18.91
CA ILE A 475 13.30 -5.73 17.81
C ILE A 475 13.37 -4.75 16.63
N ALA A 476 14.58 -4.37 16.26
CA ALA A 476 14.76 -3.51 15.10
C ALA A 476 14.43 -4.28 13.83
N CYS A 477 13.45 -3.78 13.07
CA CYS A 477 12.94 -4.50 11.92
C CYS A 477 12.93 -3.59 10.70
N ALA A 478 13.33 -4.17 9.56
CA ALA A 478 13.17 -3.51 8.28
C ALA A 478 11.88 -3.90 7.59
N ASN A 479 11.38 -5.11 7.85
CA ASN A 479 10.14 -5.61 7.27
C ASN A 479 9.57 -6.66 8.21
N ASN A 480 8.44 -7.24 7.79
CA ASN A 480 7.76 -8.22 8.64
C ASN A 480 8.61 -9.46 8.87
N LEU A 481 9.26 -9.96 7.81
CA LEU A 481 10.05 -11.18 7.93
C LEU A 481 11.24 -10.98 8.87
N GLU A 482 11.91 -9.82 8.77
CA GLU A 482 13.02 -9.54 9.67
C GLU A 482 12.55 -9.48 11.12
N ALA A 483 11.39 -8.86 11.36
CA ALA A 483 10.85 -8.80 12.72
C ALA A 483 10.55 -10.19 13.24
N GLU A 484 9.92 -11.04 12.41
CA GLU A 484 9.61 -12.40 12.84
C GLU A 484 10.88 -13.18 13.15
N ALA A 485 11.90 -13.07 12.29
CA ALA A 485 13.15 -13.77 12.54
C ALA A 485 13.82 -13.28 13.82
N GLY A 486 13.82 -11.98 14.05
CA GLY A 486 14.41 -11.45 15.26
C GLY A 486 13.69 -11.90 16.51
N ALA A 487 12.35 -11.90 16.47
CA ALA A 487 11.57 -12.39 17.61
C ALA A 487 11.83 -13.87 17.86
N LEU A 488 11.88 -14.68 16.81
CA LEU A 488 12.16 -16.10 16.97
C LEU A 488 13.53 -16.32 17.59
N ASN A 489 14.54 -15.58 17.11
CA ASN A 489 15.87 -15.71 17.66
C ASN A 489 15.90 -15.28 19.13
N ALA A 490 15.20 -14.21 19.47
CA ALA A 490 15.17 -13.76 20.86
C ALA A 490 14.53 -14.80 21.76
N VAL A 491 13.41 -15.39 21.32
CA VAL A 491 12.76 -16.42 22.13
C VAL A 491 13.67 -17.63 22.28
N ARG A 492 14.30 -18.05 21.18
CA ARG A 492 15.19 -19.19 21.25
C ARG A 492 16.34 -18.96 22.22
N GLU A 493 16.92 -17.76 22.19
CA GLU A 493 18.05 -17.47 23.06
C GLU A 493 17.62 -17.34 24.52
N ALA A 494 16.48 -16.71 24.77
CA ALA A 494 16.04 -16.49 26.14
C ALA A 494 15.55 -17.78 26.79
N LEU A 495 14.88 -18.65 26.03
CA LEU A 495 14.40 -19.92 26.55
C LEU A 495 15.39 -21.06 26.31
N GLU A 496 16.61 -20.74 25.85
CA GLU A 496 17.66 -21.72 25.52
C GLU A 496 17.08 -22.94 24.82
N LEU A 497 16.26 -22.71 23.81
CA LEU A 497 15.67 -23.77 23.02
C LEU A 497 16.61 -24.15 21.88
N SER A 498 16.59 -25.43 21.52
CA SER A 498 17.34 -25.90 20.37
C SER A 498 16.49 -25.79 19.10
N GLU A 499 17.12 -26.06 17.96
CA GLU A 499 16.41 -26.01 16.69
C GLU A 499 15.30 -27.04 16.62
N ASP A 500 15.40 -28.13 17.39
CA ASP A 500 14.38 -29.17 17.40
C ASP A 500 13.33 -28.98 18.49
N ASP A 501 13.45 -27.95 19.31
CA ASP A 501 12.50 -27.71 20.38
C ASP A 501 11.32 -26.89 19.89
N VAL A 502 10.17 -27.09 20.54
CA VAL A 502 8.95 -26.38 20.18
C VAL A 502 9.00 -24.98 20.79
N VAL A 503 8.80 -23.97 19.95
CA VAL A 503 8.86 -22.57 20.41
C VAL A 503 7.44 -22.11 20.71
N PRO A 504 7.18 -21.53 21.88
CA PRO A 504 5.82 -21.10 22.22
C PRO A 504 5.42 -19.82 21.49
N ALA A 505 4.11 -19.58 21.48
CA ALA A 505 3.60 -18.29 21.04
C ALA A 505 4.18 -17.18 21.90
N HIS A 506 4.54 -16.07 21.28
CA HIS A 506 5.33 -15.08 22.01
C HIS A 506 4.92 -13.67 21.64
N GLU A 507 4.93 -12.79 22.64
CA GLU A 507 4.66 -11.37 22.48
C GLU A 507 5.96 -10.59 22.53
N TYR A 508 6.16 -9.70 21.57
CA TYR A 508 7.37 -8.90 21.49
C TYR A 508 7.01 -7.53 20.95
N ARG A 509 8.00 -6.67 20.84
CA ARG A 509 7.81 -5.30 20.34
C ARG A 509 8.75 -5.03 19.17
N ALA A 510 8.23 -4.36 18.16
CA ALA A 510 8.96 -4.05 16.95
C ALA A 510 8.99 -2.55 16.71
N ALA A 511 10.15 -2.06 16.25
CA ALA A 511 10.36 -0.64 16.01
C ALA A 511 11.13 -0.47 14.70
N SER A 512 10.60 0.39 13.83
CA SER A 512 11.29 0.75 12.59
C SER A 512 11.50 2.26 12.54
N SER A 513 12.69 2.69 12.13
CA SER A 513 13.07 4.09 12.17
C SER A 513 13.17 4.66 10.77
N HIS A 514 12.54 5.83 10.56
CA HIS A 514 12.71 6.61 9.35
C HIS A 514 13.54 7.84 9.70
N PRO A 515 14.79 7.93 9.27
CA PRO A 515 15.66 9.03 9.72
C PRO A 515 15.16 10.39 9.24
N PHE A 516 15.44 11.42 10.02
CA PHE A 516 15.07 12.79 9.70
C PHE A 516 16.31 13.67 9.78
N ASP A 517 16.55 14.45 8.72
CA ASP A 517 17.63 15.42 8.71
C ASP A 517 17.07 16.76 9.17
N ALA A 518 16.41 16.73 10.32
CA ALA A 518 15.81 17.91 10.93
C ALA A 518 16.52 18.19 12.25
N SER A 519 16.50 19.46 12.65
CA SER A 519 17.17 19.86 13.87
C SER A 519 16.47 19.27 15.08
N THR A 520 17.22 19.17 16.19
CA THR A 520 16.65 18.61 17.41
C THR A 520 15.52 19.48 17.95
N GLU A 521 15.65 20.81 17.83
CA GLU A 521 14.59 21.70 18.27
C GLU A 521 13.31 21.47 17.46
N VAL A 522 13.44 21.30 16.14
CA VAL A 522 12.28 21.03 15.31
C VAL A 522 11.67 19.69 15.68
N MET A 523 12.50 18.70 15.99
CA MET A 523 11.99 17.39 16.39
C MET A 523 11.22 17.48 17.71
N TYR A 524 11.74 18.23 18.67
CA TYR A 524 11.01 18.44 19.92
C TYR A 524 9.71 19.19 19.70
N GLU A 525 9.72 20.17 18.79
CA GLU A 525 8.49 20.87 18.46
C GLU A 525 7.47 19.92 17.83
N ILE A 526 7.92 19.04 16.95
CA ILE A 526 7.03 18.05 16.35
C ILE A 526 6.46 17.12 17.42
N GLU A 527 7.31 16.70 18.37
CA GLU A 527 6.84 15.86 19.46
C GLU A 527 5.79 16.56 20.29
N ASP A 528 6.01 17.85 20.59
CA ASP A 528 5.02 18.62 21.34
C ASP A 528 3.72 18.76 20.55
N ILE A 529 3.82 18.96 19.23
CA ILE A 529 2.64 19.03 18.38
C ILE A 529 1.89 17.70 18.42
N ARG A 530 2.62 16.59 18.53
CA ARG A 530 1.99 15.28 18.61
C ARG A 530 1.10 15.15 19.84
N LYS A 531 1.55 15.68 20.98
CA LYS A 531 0.77 15.64 22.21
C LYS A 531 -0.36 16.66 22.22
N GLU A 532 -0.44 17.55 21.23
CA GLU A 532 -1.49 18.55 21.20
C GLU A 532 -2.83 17.89 20.93
N PRO A 533 -3.85 18.11 21.77
CA PRO A 533 -5.14 17.44 21.55
C PRO A 533 -5.98 18.04 20.44
N ASP A 534 -5.72 19.28 20.02
CA ASP A 534 -6.52 19.92 18.98
C ASP A 534 -5.92 19.65 17.62
N PRO A 535 -6.62 18.95 16.72
CA PRO A 535 -6.07 18.71 15.38
C PRO A 535 -5.79 19.99 14.61
N HIS A 536 -6.61 21.02 14.79
CA HIS A 536 -6.36 22.29 14.11
C HIS A 536 -5.01 22.88 14.51
N LEU A 537 -4.69 22.84 15.80
CA LEU A 537 -3.39 23.32 16.26
C LEU A 537 -2.26 22.47 15.69
N ILE A 538 -2.46 21.16 15.61
CA ILE A 538 -1.45 20.28 15.01
C ILE A 538 -1.16 20.70 13.58
N ALA A 539 -2.22 20.87 12.79
CA ALA A 539 -2.06 21.27 11.39
C ALA A 539 -1.38 22.62 11.28
N LYS A 540 -1.86 23.61 12.05
CA LYS A 540 -1.31 24.95 11.96
C LYS A 540 0.17 24.96 12.32
N ARG A 541 0.54 24.27 13.40
CA ARG A 541 1.93 24.31 13.87
C ARG A 541 2.85 23.56 12.92
N LEU A 542 2.42 22.40 12.42
CA LEU A 542 3.26 21.67 11.47
C LEU A 542 3.43 22.45 10.17
N LYS A 543 2.33 23.01 9.66
CA LYS A 543 2.42 23.82 8.42
C LYS A 543 3.35 25.02 8.67
N GLN A 544 3.22 25.69 9.83
CA GLN A 544 4.06 26.84 10.10
C GLN A 544 5.53 26.45 10.20
N LEU A 545 5.80 25.26 10.75
CA LEU A 545 7.17 24.75 10.75
C LEU A 545 7.67 24.58 9.32
N MET A 546 6.81 24.07 8.43
CA MET A 546 7.20 23.94 7.03
C MET A 546 7.45 25.31 6.40
N LEU A 547 6.53 26.25 6.59
CA LEU A 547 6.60 27.54 5.89
C LEU A 547 7.77 28.38 6.36
N ASP A 548 8.23 28.19 7.60
CA ASP A 548 9.33 28.98 8.12
C ASP A 548 10.69 28.44 7.69
N GLY A 549 10.73 27.32 6.99
CA GLY A 549 11.99 26.72 6.58
C GLY A 549 12.64 25.87 7.63
N LYS A 550 12.06 25.77 8.82
CA LYS A 550 12.62 24.91 9.86
C LYS A 550 12.44 23.43 9.50
N LEU A 551 11.33 23.09 8.87
CA LEU A 551 11.07 21.73 8.39
C LEU A 551 11.13 21.74 6.88
N ALA A 552 11.99 20.88 6.32
CA ALA A 552 12.11 20.78 4.87
C ALA A 552 10.80 20.25 4.27
N GLN A 553 10.50 20.70 3.06
CA GLN A 553 9.27 20.28 2.40
C GLN A 553 9.24 18.77 2.18
N ARG A 554 10.40 18.13 2.01
CA ARG A 554 10.43 16.69 1.86
C ARG A 554 9.92 16.00 3.13
N TYR A 555 10.47 16.36 4.28
CA TYR A 555 10.04 15.75 5.53
C TYR A 555 8.63 16.16 5.91
N TYR A 556 8.25 17.41 5.63
CA TYR A 556 6.88 17.82 5.87
C TYR A 556 5.91 17.00 5.03
N ARG A 557 6.23 16.78 3.76
CA ARG A 557 5.37 15.97 2.91
C ARG A 557 5.34 14.52 3.37
N PHE A 558 6.47 14.01 3.87
CA PHE A 558 6.50 12.66 4.42
C PHE A 558 5.56 12.53 5.61
N LEU A 559 5.66 13.47 6.56
CA LEU A 559 4.81 13.45 7.73
C LEU A 559 3.34 13.64 7.37
N VAL A 560 3.07 14.55 6.42
CA VAL A 560 1.68 14.80 6.03
C VAL A 560 1.11 13.59 5.30
N GLU A 561 1.93 12.91 4.49
CA GLU A 561 1.48 11.68 3.85
C GLU A 561 1.15 10.62 4.89
N ARG A 562 2.00 10.48 5.90
CA ARG A 562 1.70 9.51 6.97
C ARG A 562 0.42 9.87 7.70
N LEU A 563 0.24 11.16 8.02
CA LEU A 563 -0.96 11.59 8.74
C LEU A 563 -2.20 11.37 7.90
N THR A 564 -2.13 11.69 6.61
CA THR A 564 -3.27 11.50 5.72
C THR A 564 -3.62 10.02 5.59
N SER A 565 -2.60 9.17 5.43
CA SER A 565 -2.84 7.74 5.33
C SER A 565 -3.46 7.21 6.62
N ALA A 566 -2.94 7.64 7.78
CA ALA A 566 -3.48 7.16 9.04
C ALA A 566 -4.91 7.65 9.27
N VAL A 567 -5.20 8.91 8.91
CA VAL A 567 -6.54 9.43 9.07
C VAL A 567 -7.52 8.70 8.15
N ASN A 568 -7.10 8.45 6.91
CA ASN A 568 -7.95 7.71 5.98
C ASN A 568 -8.17 6.29 6.45
N GLU A 569 -7.12 5.65 6.97
CA GLU A 569 -7.25 4.30 7.50
C GLU A 569 -8.20 4.25 8.69
N PHE A 570 -8.09 5.22 9.59
CA PHE A 570 -8.99 5.27 10.74
C PHE A 570 -10.43 5.51 10.30
N LEU A 571 -10.62 6.38 9.29
CA LEU A 571 -11.97 6.64 8.81
C LEU A 571 -12.57 5.39 8.17
N ALA A 572 -11.81 4.72 7.30
CA ALA A 572 -12.35 3.56 6.59
C ALA A 572 -12.54 2.36 7.51
N ASP A 573 -11.60 2.13 8.42
CA ASP A 573 -11.61 0.94 9.26
C ASP A 573 -12.34 1.15 10.57
N SER A 574 -11.89 2.12 11.37
CA SER A 574 -12.44 2.31 12.70
C SER A 574 -13.82 2.95 12.67
N MET A 575 -14.06 3.87 11.72
CA MET A 575 -15.29 4.64 11.68
C MET A 575 -16.22 4.24 10.54
N SER A 576 -15.76 3.41 9.60
CA SER A 576 -16.56 2.98 8.45
C SER A 576 -17.08 4.18 7.65
N GLN A 577 -16.29 5.24 7.61
CA GLN A 577 -16.62 6.44 6.86
C GLN A 577 -15.88 6.46 5.53
N LYS A 578 -16.62 6.78 4.47
CA LYS A 578 -16.06 6.89 3.13
C LYS A 578 -15.31 8.19 2.90
N VAL A 579 -15.35 9.12 3.86
CA VAL A 579 -14.70 10.41 3.72
C VAL A 579 -13.20 10.24 3.72
N THR A 580 -12.53 10.91 2.80
CA THR A 580 -11.08 10.87 2.69
C THR A 580 -10.54 12.28 2.52
N ILE A 581 -9.29 12.48 2.93
CA ILE A 581 -8.61 13.75 2.78
C ILE A 581 -7.38 13.56 1.92
N ASP A 582 -6.90 14.66 1.35
CA ASP A 582 -5.69 14.65 0.54
C ASP A 582 -4.47 15.18 1.27
N ASP A 583 -4.63 16.26 2.03
CA ASP A 583 -3.53 16.81 2.82
C ASP A 583 -4.05 16.99 4.24
N PHE A 584 -3.29 16.47 5.21
CA PHE A 584 -3.73 16.58 6.61
C PHE A 584 -3.77 18.04 7.06
N CYS A 585 -2.66 18.77 6.86
CA CYS A 585 -2.57 20.12 7.38
C CYS A 585 -3.45 21.10 6.61
N GLU A 586 -3.97 20.71 5.46
CA GLU A 586 -4.86 21.56 4.68
C GLU A 586 -6.33 21.20 4.84
N ASP A 587 -6.64 19.94 5.16
CA ASP A 587 -8.01 19.46 5.16
C ASP A 587 -8.49 18.90 6.48
N ILE A 588 -7.67 18.93 7.54
CA ILE A 588 -8.13 18.36 8.81
C ILE A 588 -9.24 19.21 9.41
N GLY A 589 -9.13 20.54 9.28
CA GLY A 589 -10.20 21.40 9.76
C GLY A 589 -11.49 21.21 8.99
N ASP A 590 -11.39 21.07 7.66
CA ASP A 590 -12.56 20.79 6.85
C ASP A 590 -13.18 19.45 7.21
N LEU A 591 -12.33 18.45 7.49
CA LEU A 591 -12.84 17.14 7.88
C LEU A 591 -13.56 17.21 9.22
N ILE A 592 -13.00 17.95 10.19
CA ILE A 592 -13.66 18.11 11.48
C ILE A 592 -15.00 18.82 11.31
N ALA A 593 -15.03 19.87 10.50
CA ALA A 593 -16.28 20.59 10.26
C ALA A 593 -17.30 19.69 9.58
N TYR A 594 -16.87 18.88 8.62
CA TYR A 594 -17.76 17.96 7.93
C TYR A 594 -18.32 16.92 8.91
N LEU A 595 -17.48 16.40 9.78
CA LEU A 595 -17.92 15.41 10.76
C LEU A 595 -18.92 16.02 11.73
N ILE A 596 -18.69 17.27 12.15
CA ILE A 596 -19.65 17.94 13.03
C ILE A 596 -20.97 18.16 12.32
N GLY A 597 -20.92 18.68 11.09
CA GLY A 597 -22.12 19.03 10.35
C GLY A 597 -22.98 17.87 9.90
N LYS A 598 -22.36 16.81 9.41
CA LYS A 598 -23.11 15.72 8.80
C LYS A 598 -23.16 14.45 9.64
N LYS A 599 -22.22 14.28 10.58
CA LYS A 599 -22.17 13.07 11.39
C LYS A 599 -22.51 13.30 12.85
N GLY A 600 -22.81 14.53 13.24
CA GLY A 600 -23.17 14.84 14.61
C GLY A 600 -21.94 15.10 15.48
N LYS A 601 -22.21 15.58 16.69
CA LYS A 601 -21.12 15.93 17.61
C LYS A 601 -20.45 14.68 18.16
N SER A 602 -21.19 13.57 18.27
CA SER A 602 -20.62 12.36 18.86
C SER A 602 -19.52 11.76 17.99
N VAL A 603 -19.77 11.64 16.69
CA VAL A 603 -18.77 11.08 15.77
C VAL A 603 -17.54 11.97 15.73
N ALA A 604 -17.74 13.28 15.63
CA ALA A 604 -16.62 14.22 15.60
C ALA A 604 -15.82 14.16 16.89
N ASP A 605 -16.50 14.06 18.05
CA ASP A 605 -15.79 13.97 19.32
C ASP A 605 -15.01 12.66 19.41
N LYS A 606 -15.58 11.57 18.90
CA LYS A 606 -14.85 10.30 18.87
C LYS A 606 -13.59 10.42 18.03
N PHE A 607 -13.69 11.05 16.86
CA PHE A 607 -12.52 11.23 16.00
C PHE A 607 -11.50 12.13 16.68
N THR A 608 -11.95 13.19 17.35
CA THR A 608 -11.03 14.10 18.03
C THR A 608 -10.32 13.41 19.19
N ALA A 609 -11.03 12.56 19.94
CA ALA A 609 -10.41 11.81 21.01
C ALA A 609 -9.47 10.74 20.49
N SER A 610 -9.72 10.22 19.29
CA SER A 610 -8.80 9.28 18.66
C SER A 610 -7.62 9.97 17.98
N ILE A 611 -7.71 11.27 17.74
CA ILE A 611 -6.65 12.05 17.10
C ILE A 611 -5.32 11.87 17.82
N PRO A 612 -5.26 11.89 19.17
CA PRO A 612 -3.96 11.60 19.81
C PRO A 612 -3.37 10.26 19.40
N PHE A 613 -4.18 9.21 19.28
CA PHE A 613 -3.65 7.91 18.87
C PHE A 613 -3.12 7.95 17.45
N ILE A 614 -3.89 8.55 16.53
CA ILE A 614 -3.47 8.62 15.13
C ILE A 614 -2.18 9.41 14.99
N VAL A 615 -2.12 10.58 15.63
CA VAL A 615 -0.95 11.44 15.52
C VAL A 615 0.25 10.79 16.20
N GLY A 616 0.03 10.09 17.32
CA GLY A 616 1.13 9.40 17.97
C GLY A 616 1.70 8.28 17.13
N ARG A 617 0.83 7.50 16.49
CA ARG A 617 1.30 6.45 15.60
C ARG A 617 2.02 7.01 14.39
N SER A 618 1.50 8.07 13.79
CA SER A 618 2.09 8.65 12.59
C SER A 618 3.36 9.45 12.86
N MET A 619 3.39 10.24 13.94
CA MET A 619 4.48 11.19 14.18
C MET A 619 5.17 10.88 15.50
N CYS A 620 5.38 9.61 15.81
CA CYS A 620 6.17 9.25 16.97
C CYS A 620 7.62 9.65 16.73
N VAL A 621 8.14 10.55 17.56
CA VAL A 621 9.46 11.14 17.35
C VAL A 621 10.46 10.48 18.29
N ASN A 622 11.54 9.94 17.73
CA ASN A 622 12.66 9.43 18.50
C ASN A 622 13.80 10.42 18.33
N ILE A 623 14.36 10.89 19.45
CA ILE A 623 15.46 11.83 19.44
C ILE A 623 16.65 11.13 20.10
N ASP A 624 17.57 10.67 19.26
CA ASP A 624 18.78 10.00 19.73
C ASP A 624 19.99 10.77 19.22
N PRO A 625 20.76 11.43 20.09
CA PRO A 625 21.93 12.19 19.59
C PRO A 625 23.00 11.31 18.95
N GLU A 626 23.01 10.01 19.21
CA GLU A 626 23.97 9.12 18.55
C GLU A 626 23.45 8.61 17.21
N GLU A 627 22.27 8.00 17.19
CA GLU A 627 21.74 7.39 15.98
C GLU A 627 20.98 8.35 15.07
N GLY A 628 20.74 9.58 15.52
CA GLY A 628 20.03 10.56 14.73
C GLY A 628 18.54 10.53 15.02
N ASN A 629 17.91 11.68 14.82
CA ASN A 629 16.48 11.82 15.03
C ASN A 629 15.70 11.06 13.95
N SER A 630 14.55 10.53 14.31
CA SER A 630 13.79 9.70 13.38
C SER A 630 12.32 9.68 13.76
N ILE A 631 11.51 9.21 12.83
CA ILE A 631 10.10 8.92 13.07
C ILE A 631 9.95 7.41 13.21
N LEU A 632 9.28 6.97 14.26
CA LEU A 632 9.19 5.57 14.59
C LEU A 632 7.84 4.99 14.16
N ASP A 633 7.89 3.77 13.63
CA ASP A 633 6.74 2.89 13.56
C ASP A 633 6.92 1.86 14.66
N LEU A 634 6.05 1.92 15.67
CA LEU A 634 6.14 1.07 16.85
C LEU A 634 4.95 0.13 16.90
N SER A 635 5.20 -1.13 17.25
CA SER A 635 4.11 -2.10 17.33
C SER A 635 4.43 -3.14 18.38
N VAL A 636 3.38 -3.76 18.90
CA VAL A 636 3.49 -4.91 19.80
C VAL A 636 2.83 -6.09 19.09
N ARG A 637 3.59 -7.15 18.87
CA ARG A 637 3.14 -8.25 18.04
C ARG A 637 3.18 -9.55 18.83
N PHE A 638 2.08 -10.29 18.76
CA PHE A 638 1.95 -11.61 19.39
C PHE A 638 1.91 -12.65 18.29
N GLN A 639 2.96 -13.45 18.19
CA GLN A 639 3.02 -14.55 17.23
C GLN A 639 2.37 -15.78 17.85
N THR A 640 1.27 -16.22 17.26
CA THR A 640 0.54 -17.41 17.68
C THR A 640 0.97 -18.61 16.85
N GLY A 641 0.71 -19.80 17.38
CA GLY A 641 0.95 -21.03 16.68
C GLY A 641 -0.17 -21.46 15.75
N TRP A 642 -1.26 -20.72 15.71
CA TRP A 642 -2.40 -21.07 14.88
C TRP A 642 -2.35 -20.31 13.56
N ARG A 643 -2.68 -21.01 12.49
CA ARG A 643 -2.73 -20.39 11.17
C ARG A 643 -3.94 -19.46 11.08
N LEU A 644 -3.94 -18.62 10.05
CA LEU A 644 -5.04 -17.67 9.88
C LEU A 644 -6.36 -18.39 9.70
N GLU A 645 -6.37 -19.47 8.92
CA GLU A 645 -7.59 -20.25 8.71
C GLU A 645 -7.84 -21.25 9.83
N GLU A 646 -6.94 -21.36 10.80
CA GLU A 646 -7.21 -22.07 12.04
C GLU A 646 -7.60 -21.14 13.17
N LEU A 647 -7.44 -19.83 12.99
CA LEU A 647 -7.86 -18.83 13.96
C LEU A 647 -9.21 -18.23 13.63
N SER A 648 -9.49 -18.05 12.33
CA SER A 648 -10.71 -17.39 11.88
C SER A 648 -11.23 -18.06 10.63
N CYS A 649 -12.51 -17.83 10.34
CA CYS A 649 -13.10 -18.27 9.09
C CYS A 649 -12.58 -17.41 7.94
N LEU A 650 -13.09 -17.65 6.74
CA LEU A 650 -12.64 -16.93 5.56
C LEU A 650 -13.10 -15.48 5.52
N ASN A 651 -13.95 -15.06 6.45
CA ASN A 651 -14.39 -13.68 6.50
C ASN A 651 -13.22 -12.70 6.64
N ILE A 652 -12.10 -13.15 7.21
CA ILE A 652 -10.94 -12.29 7.37
C ILE A 652 -10.41 -11.83 6.02
N TYR A 653 -10.72 -12.57 4.96
CA TYR A 653 -10.34 -12.16 3.61
C TYR A 653 -11.37 -11.25 2.96
N THR A 654 -12.62 -11.31 3.40
CA THR A 654 -13.68 -10.53 2.78
C THR A 654 -13.86 -9.16 3.43
N GLU A 655 -13.85 -9.10 4.76
CA GLU A 655 -14.10 -7.88 5.49
C GLU A 655 -12.81 -7.12 5.75
N LYS A 656 -12.95 -5.80 5.89
CA LYS A 656 -11.80 -4.98 6.27
C LYS A 656 -11.31 -5.35 7.67
N ALA A 657 -12.24 -5.56 8.60
CA ALA A 657 -11.89 -5.97 9.95
C ALA A 657 -13.03 -6.79 10.54
N VAL A 658 -12.69 -7.59 11.55
CA VAL A 658 -13.64 -8.47 12.22
C VAL A 658 -13.66 -8.15 13.70
N LEU A 659 -14.87 -7.98 14.23
CA LEU A 659 -15.07 -7.65 15.64
C LEU A 659 -14.87 -8.88 16.52
N ILE A 660 -14.30 -8.66 17.69
CA ILE A 660 -14.07 -9.73 18.67
C ILE A 660 -15.10 -9.58 19.77
N SER A 661 -15.99 -10.57 19.90
CA SER A 661 -17.08 -10.56 20.86
C SER A 661 -16.83 -11.64 21.91
N LYS A 662 -17.83 -11.83 22.79
CA LYS A 662 -17.75 -12.88 23.80
C LYS A 662 -17.81 -14.28 23.20
N LEU A 663 -18.35 -14.43 21.99
CA LEU A 663 -18.35 -15.71 21.31
C LEU A 663 -17.00 -16.05 20.71
N THR A 664 -16.10 -15.08 20.57
CA THR A 664 -14.76 -15.34 20.09
C THR A 664 -14.01 -16.21 21.09
N GLU A 665 -13.07 -17.00 20.59
CA GLU A 665 -12.20 -17.81 21.43
C GLU A 665 -11.61 -16.95 22.55
N PRO A 666 -11.82 -17.33 23.82
CA PRO A 666 -11.34 -16.48 24.92
C PRO A 666 -9.83 -16.30 24.94
N LYS A 667 -9.08 -17.19 24.31
CA LYS A 667 -7.63 -17.07 24.29
C LYS A 667 -7.17 -15.86 23.49
N ILE A 668 -7.83 -15.59 22.35
CA ILE A 668 -7.48 -14.41 21.56
C ILE A 668 -7.74 -13.13 22.35
N THR A 669 -8.90 -13.06 23.01
CA THR A 669 -9.22 -11.90 23.83
C THR A 669 -8.24 -11.77 24.98
N GLN A 670 -7.85 -12.88 25.60
CA GLN A 670 -6.86 -12.83 26.67
C GLN A 670 -5.54 -12.25 26.17
N VAL A 671 -5.09 -12.69 25.00
CA VAL A 671 -3.86 -12.17 24.42
C VAL A 671 -3.98 -10.67 24.17
N ILE A 672 -5.11 -10.24 23.62
CA ILE A 672 -5.27 -8.84 23.27
C ILE A 672 -5.33 -7.96 24.51
N MET A 673 -6.08 -8.38 25.54
CA MET A 673 -6.11 -7.60 26.77
C MET A 673 -4.75 -7.59 27.47
N GLY A 674 -3.99 -8.68 27.37
CA GLY A 674 -2.65 -8.67 27.92
C GLY A 674 -1.75 -7.66 27.22
N MET A 675 -1.81 -7.64 25.89
CA MET A 675 -1.02 -6.66 25.13
C MET A 675 -1.44 -5.24 25.46
N ALA A 676 -2.76 -5.01 25.54
CA ALA A 676 -3.26 -3.68 25.87
C ALA A 676 -2.85 -3.24 27.26
N LYS A 677 -2.91 -4.17 28.23
CA LYS A 677 -2.49 -3.84 29.60
C LYS A 677 -1.00 -3.51 29.65
N ARG A 678 -0.17 -4.27 28.93
CA ARG A 678 1.25 -3.96 28.92
C ARG A 678 1.54 -2.66 28.19
N LEU A 679 0.68 -2.29 27.23
CA LEU A 679 0.80 -0.97 26.62
C LEU A 679 0.45 0.13 27.60
N ASN A 680 -0.66 -0.03 28.33
CA ASN A 680 -1.14 1.00 29.25
C ASN A 680 -0.27 1.13 30.49
N SER A 681 0.62 0.17 30.75
CA SER A 681 1.51 0.26 31.90
C SER A 681 2.62 1.28 31.69
N SER A 682 2.78 1.81 30.48
CA SER A 682 3.77 2.83 30.22
C SER A 682 3.37 4.15 30.89
N LYS A 683 4.32 5.07 30.94
CA LYS A 683 4.07 6.37 31.55
C LYS A 683 3.03 7.14 30.74
N ASP A 684 2.01 7.65 31.44
CA ASP A 684 0.90 8.39 30.85
C ASP A 684 0.19 7.61 29.73
N SER A 685 0.34 6.28 29.73
CA SER A 685 -0.20 5.41 28.69
C SER A 685 0.30 5.81 27.30
N ASP A 686 1.49 6.44 27.26
CA ASP A 686 2.02 6.98 26.01
C ASP A 686 2.18 5.91 24.94
N ASP A 687 2.65 4.73 25.32
CA ASP A 687 2.78 3.64 24.35
C ASP A 687 1.44 3.30 23.72
N ALA A 688 0.37 3.30 24.52
CA ALA A 688 -0.95 2.99 23.97
C ALA A 688 -1.37 3.99 22.89
N ARG A 689 -0.67 5.12 22.84
CA ARG A 689 -1.02 6.17 21.84
C ARG A 689 -0.04 6.11 20.65
N THR A 690 1.08 5.41 20.79
CA THR A 690 2.08 5.40 19.74
C THR A 690 2.36 4.02 19.16
N HIS A 691 1.68 2.98 19.64
CA HIS A 691 1.95 1.61 19.23
C HIS A 691 0.74 1.02 18.50
N LYS A 692 1.00 0.45 17.34
CA LYS A 692 0.05 -0.48 16.75
C LYS A 692 0.19 -1.83 17.46
N MET A 693 -0.84 -2.65 17.32
CA MET A 693 -0.82 -4.00 17.87
C MET A 693 -1.12 -5.00 16.77
N TYR A 694 -0.39 -6.11 16.75
CA TYR A 694 -0.53 -7.12 15.73
C TYR A 694 -0.60 -8.50 16.36
N ILE A 695 -1.44 -9.36 15.79
CA ILE A 695 -1.41 -10.79 16.03
C ILE A 695 -0.95 -11.46 14.74
N ILE A 696 0.15 -12.19 14.81
CA ILE A 696 0.74 -12.83 13.64
C ILE A 696 0.42 -14.31 13.68
N THR A 697 -0.28 -14.79 12.67
CA THR A 697 -0.63 -16.19 12.58
C THR A 697 0.60 -17.03 12.21
N ALA A 698 0.44 -18.35 12.31
CA ALA A 698 1.56 -19.25 12.02
C ALA A 698 2.01 -19.13 10.57
N ASP A 699 1.07 -19.05 9.63
CA ASP A 699 1.42 -18.98 8.22
C ASP A 699 1.73 -17.56 7.75
N GLY A 700 1.70 -16.57 8.64
CA GLY A 700 2.26 -15.27 8.35
C GLY A 700 1.30 -14.12 8.16
N SER A 701 0.00 -14.33 8.34
CA SER A 701 -0.95 -13.23 8.25
C SER A 701 -0.79 -12.28 9.43
N TYR A 702 -0.98 -10.99 9.17
CA TYR A 702 -0.90 -9.96 10.19
C TYR A 702 -2.30 -9.44 10.46
N LEU A 703 -2.71 -9.46 11.73
CA LEU A 703 -4.02 -8.97 12.14
C LEU A 703 -3.82 -7.81 13.09
N GLN A 704 -4.03 -6.59 12.59
CA GLN A 704 -3.89 -5.40 13.40
C GLN A 704 -5.08 -5.25 14.34
N VAL A 705 -4.80 -5.03 15.61
CA VAL A 705 -5.81 -4.75 16.62
C VAL A 705 -6.12 -3.27 16.57
N ILE A 706 -7.35 -2.93 16.19
CA ILE A 706 -7.80 -1.55 16.10
C ILE A 706 -9.05 -1.40 16.94
N ARG A 707 -9.43 -0.16 17.19
CA ARG A 707 -10.62 0.16 17.94
C ARG A 707 -11.75 0.52 16.97
N GLY A 708 -12.95 0.07 17.29
CA GLY A 708 -14.11 0.37 16.46
C GLY A 708 -14.98 1.42 17.11
N ALA A 709 -15.22 2.50 16.36
CA ALA A 709 -16.03 3.60 16.85
C ALA A 709 -17.53 3.33 16.75
N LEU A 710 -17.93 2.28 16.04
CA LEU A 710 -19.35 2.00 15.87
C LEU A 710 -19.94 1.27 17.08
N VAL A 711 -19.10 0.61 17.87
CA VAL A 711 -19.53 -0.06 19.10
C VAL A 711 -18.60 0.36 20.22
N ASP A 712 -19.17 0.65 21.39
CA ASP A 712 -18.35 1.05 22.54
C ASP A 712 -17.46 -0.11 22.96
N ASN A 713 -16.18 0.20 23.18
CA ASN A 713 -15.16 -0.78 23.56
C ASN A 713 -15.07 -1.94 22.57
N ALA A 714 -15.15 -1.65 21.27
CA ALA A 714 -15.10 -2.69 20.26
C ALA A 714 -13.67 -2.88 19.78
N VAL A 715 -13.20 -4.14 19.81
CA VAL A 715 -11.87 -4.52 19.34
C VAL A 715 -12.03 -5.21 18.00
N LEU A 716 -11.25 -4.77 17.00
CA LEU A 716 -11.32 -5.33 15.67
C LEU A 716 -9.95 -5.86 15.25
N LEU A 717 -9.97 -6.94 14.49
CA LEU A 717 -8.79 -7.50 13.87
C LEU A 717 -8.87 -7.25 12.37
N LYS A 718 -7.88 -6.53 11.83
CA LYS A 718 -7.84 -6.16 10.43
C LYS A 718 -6.70 -6.88 9.75
N LEU A 719 -7.01 -7.64 8.71
CA LEU A 719 -5.99 -8.38 7.97
C LEU A 719 -5.17 -7.42 7.12
N ILE A 720 -3.86 -7.40 7.34
CA ILE A 720 -2.97 -6.53 6.57
C ILE A 720 -2.74 -7.16 5.21
N LYS A 721 -3.03 -6.41 4.15
CA LYS A 721 -2.96 -6.93 2.80
C LYS A 721 -1.91 -6.19 1.98
N LEU B 311 -16.13 30.40 -35.92
CA LEU B 311 -17.34 29.80 -36.48
C LEU B 311 -17.21 28.30 -36.79
N PRO B 312 -16.12 27.87 -37.46
CA PRO B 312 -15.96 26.42 -37.71
C PRO B 312 -15.78 25.65 -36.40
N ILE B 313 -16.31 24.43 -36.38
CA ILE B 313 -16.21 23.58 -35.19
C ILE B 313 -14.94 22.75 -35.28
N PRO B 314 -14.01 22.90 -34.34
CA PRO B 314 -12.81 22.06 -34.35
C PRO B 314 -13.16 20.58 -34.17
N GLN B 315 -12.38 19.72 -34.82
CA GLN B 315 -12.57 18.28 -34.72
C GLN B 315 -11.53 17.60 -33.85
N ASP B 316 -10.38 18.22 -33.62
CA ASP B 316 -9.34 17.68 -32.76
C ASP B 316 -8.72 18.80 -31.94
N VAL B 317 -7.73 18.43 -31.12
CA VAL B 317 -7.15 19.37 -30.17
C VAL B 317 -6.49 20.55 -30.86
N LYS B 318 -5.72 20.30 -31.92
CA LYS B 318 -4.95 21.35 -32.56
C LYS B 318 -5.81 22.43 -33.20
N GLU B 319 -7.05 22.08 -33.57
CA GLU B 319 -7.92 23.04 -34.30
C GLU B 319 -8.60 24.04 -33.35
N LEU B 320 -8.55 23.79 -32.04
CA LEU B 320 -9.26 24.68 -31.11
C LEU B 320 -8.63 26.06 -31.12
N VAL B 321 -9.47 27.08 -30.98
CA VAL B 321 -9.05 28.47 -30.97
C VAL B 321 -8.92 28.93 -29.53
N PHE B 322 -7.75 29.48 -29.19
CA PHE B 322 -7.49 29.92 -27.82
C PHE B 322 -7.75 31.42 -27.72
N ASP B 323 -9.03 31.75 -27.57
CA ASP B 323 -9.47 33.13 -27.41
C ASP B 323 -10.84 33.14 -26.71
N PRO B 324 -10.93 33.69 -25.50
CA PRO B 324 -12.24 33.76 -24.84
C PRO B 324 -13.25 34.60 -25.59
N ASN B 325 -12.81 35.58 -26.37
CA ASN B 325 -13.70 36.42 -27.15
C ASN B 325 -13.97 35.86 -28.54
N TYR B 326 -13.32 34.76 -28.93
CA TYR B 326 -13.55 34.18 -30.25
C TYR B 326 -14.98 33.68 -30.38
N TYR B 327 -15.50 33.04 -29.35
CA TYR B 327 -16.85 32.50 -29.35
C TYR B 327 -17.46 32.69 -27.98
N VAL B 328 -18.44 33.57 -27.87
CA VAL B 328 -19.08 33.87 -26.58
C VAL B 328 -20.56 33.54 -26.68
N PRO B 329 -21.04 32.52 -25.96
CA PRO B 329 -22.47 32.19 -26.01
C PRO B 329 -23.26 33.09 -25.08
N ASN B 330 -24.59 32.93 -25.13
CA ASN B 330 -25.47 33.71 -24.29
C ASN B 330 -25.34 33.32 -22.82
N GLY B 331 -25.52 34.30 -21.94
CA GLY B 331 -25.52 34.05 -20.52
C GLY B 331 -24.16 33.89 -19.88
N PHE B 332 -23.08 33.99 -20.65
CA PHE B 332 -21.73 33.83 -20.12
C PHE B 332 -21.05 35.18 -20.06
N VAL B 333 -20.60 35.56 -18.86
CA VAL B 333 -19.92 36.83 -18.63
C VAL B 333 -18.45 36.53 -18.43
N ILE B 334 -17.60 37.14 -19.25
CA ILE B 334 -16.16 36.90 -19.19
C ILE B 334 -15.60 37.66 -17.99
N ASN B 335 -14.87 36.94 -17.14
CA ASN B 335 -14.29 37.54 -15.94
C ASN B 335 -13.12 38.44 -16.34
N LYS B 336 -13.17 39.70 -15.93
CA LYS B 336 -12.17 40.66 -16.37
C LYS B 336 -10.80 40.33 -15.81
N ASP B 337 -10.70 40.04 -14.51
CA ASP B 337 -9.42 39.73 -13.90
C ASP B 337 -9.04 38.27 -14.06
N ARG B 338 -9.97 37.44 -14.53
CA ARG B 338 -9.74 36.00 -14.73
C ARG B 338 -10.26 35.59 -16.10
N PRO B 339 -9.62 36.08 -17.16
CA PRO B 339 -10.12 35.80 -18.52
C PRO B 339 -10.01 34.34 -18.95
N MET B 340 -9.04 33.60 -18.41
CA MET B 340 -8.76 32.25 -18.85
C MET B 340 -9.51 31.19 -18.06
N ASP B 341 -10.40 31.60 -17.16
CA ASP B 341 -11.04 30.64 -16.25
C ASP B 341 -11.89 29.62 -17.01
N VAL B 342 -12.65 30.07 -18.02
CA VAL B 342 -13.36 29.18 -18.92
C VAL B 342 -13.23 29.74 -20.33
N ILE B 343 -13.03 28.86 -21.31
CA ILE B 343 -13.00 29.23 -22.72
C ILE B 343 -13.99 28.35 -23.46
N TYR B 344 -14.78 28.95 -24.34
CA TYR B 344 -15.74 28.21 -25.16
C TYR B 344 -15.32 28.21 -26.62
N ASN B 345 -15.54 27.09 -27.28
CA ASN B 345 -15.26 26.89 -28.69
C ASN B 345 -16.46 26.24 -29.39
N PRO B 346 -16.65 26.51 -30.68
CA PRO B 346 -17.87 26.04 -31.37
C PRO B 346 -18.01 24.54 -31.33
N GLY B 347 -19.25 24.08 -31.30
CA GLY B 347 -19.56 22.69 -31.07
C GLY B 347 -19.72 22.31 -29.62
N GLY B 348 -19.54 23.26 -28.71
CA GLY B 348 -19.66 22.98 -27.29
C GLY B 348 -18.37 22.59 -26.60
N ILE B 349 -17.23 23.01 -27.12
CA ILE B 349 -15.94 22.64 -26.54
C ILE B 349 -15.64 23.58 -25.38
N GLU B 350 -15.37 23.01 -24.20
CA GLU B 350 -15.07 23.80 -23.02
C GLU B 350 -13.61 23.55 -22.63
N ILE B 351 -12.81 24.62 -22.60
CA ILE B 351 -11.40 24.56 -22.24
C ILE B 351 -11.24 25.23 -20.88
N ARG B 352 -10.81 24.47 -19.89
CA ARG B 352 -10.61 25.00 -18.55
C ARG B 352 -9.22 24.62 -18.06
N PRO B 353 -8.61 25.45 -17.21
CA PRO B 353 -7.35 25.05 -16.59
C PRO B 353 -7.52 23.78 -15.78
N ALA B 354 -6.50 22.91 -15.83
CA ALA B 354 -6.61 21.61 -15.20
C ALA B 354 -6.76 21.72 -13.68
N HIS B 355 -6.02 22.64 -13.05
CA HIS B 355 -6.06 22.77 -11.60
C HIS B 355 -7.42 23.22 -11.10
N LEU B 356 -8.21 23.91 -11.92
CA LEU B 356 -9.53 24.35 -11.49
C LEU B 356 -10.58 23.26 -11.57
N VAL B 357 -10.27 22.13 -12.22
CA VAL B 357 -11.21 21.03 -12.36
C VAL B 357 -10.57 19.71 -11.93
N ALA B 358 -9.55 19.76 -11.08
CA ALA B 358 -8.84 18.55 -10.67
C ALA B 358 -9.75 17.59 -9.90
N ASP B 359 -10.59 18.12 -9.01
CA ASP B 359 -11.41 17.29 -8.14
C ASP B 359 -12.79 16.99 -8.70
N LYS B 360 -13.12 17.49 -9.89
CA LYS B 360 -14.44 17.28 -10.48
C LYS B 360 -14.50 15.92 -11.15
N PRO B 361 -15.46 15.06 -10.77
CA PRO B 361 -15.50 13.72 -11.37
C PRO B 361 -15.81 13.72 -12.86
N ASP B 362 -16.43 14.77 -13.39
CA ASP B 362 -16.79 14.83 -14.80
C ASP B 362 -15.69 15.42 -15.67
N TRP B 363 -14.52 15.74 -15.09
CA TRP B 363 -13.41 16.32 -15.84
C TRP B 363 -12.15 15.47 -15.71
N VAL B 364 -12.28 14.16 -15.85
CA VAL B 364 -11.13 13.26 -15.85
C VAL B 364 -10.75 12.93 -17.28
N ARG B 365 -9.45 12.82 -17.53
CA ARG B 365 -8.96 12.56 -18.88
C ARG B 365 -9.51 11.25 -19.43
N THR B 366 -9.89 11.27 -20.70
CA THR B 366 -10.43 10.10 -21.39
C THR B 366 -9.31 9.40 -22.14
N ALA B 367 -8.97 8.19 -21.71
CA ALA B 367 -7.97 7.40 -22.41
C ALA B 367 -8.59 6.74 -23.63
N SER B 368 -8.12 7.12 -24.81
CA SER B 368 -8.65 6.62 -26.06
C SER B 368 -7.54 5.95 -26.86
N SER B 369 -7.88 5.48 -28.06
CA SER B 369 -6.89 4.82 -28.90
C SER B 369 -5.77 5.76 -29.31
N ALA B 370 -6.10 7.01 -29.66
CA ALA B 370 -5.07 7.95 -30.10
C ALA B 370 -4.14 8.35 -28.96
N ASN B 371 -4.70 8.73 -27.81
CA ASN B 371 -3.92 9.17 -26.66
C ASN B 371 -4.41 8.44 -25.41
N PRO B 372 -4.02 7.17 -25.25
CA PRO B 372 -4.44 6.44 -24.04
C PRO B 372 -3.73 6.91 -22.79
N TYR B 373 -2.66 7.68 -22.93
CA TYR B 373 -1.80 8.06 -21.81
C TYR B 373 -1.73 9.58 -21.71
N SER B 374 -1.83 10.09 -20.49
CA SER B 374 -1.58 11.50 -20.24
C SER B 374 -0.12 11.83 -20.49
N ILE B 375 0.12 12.90 -21.24
CA ILE B 375 1.47 13.25 -21.69
C ILE B 375 2.13 14.14 -20.65
N LEU B 376 3.40 13.86 -20.36
CA LEU B 376 4.18 14.66 -19.43
C LEU B 376 4.80 15.84 -20.15
N MET B 377 4.55 17.05 -19.66
CA MET B 377 5.16 18.27 -20.18
C MET B 377 5.64 19.15 -19.04
N ASP B 378 6.58 20.03 -19.37
CA ASP B 378 7.19 20.92 -18.38
C ASP B 378 6.18 21.97 -17.93
N PRO B 379 5.92 22.12 -16.63
CA PRO B 379 4.96 23.13 -16.18
C PRO B 379 5.47 24.56 -16.30
N ALA B 380 6.78 24.78 -16.25
CA ALA B 380 7.31 26.13 -16.38
C ALA B 380 7.17 26.68 -17.79
N VAL B 381 7.04 25.80 -18.79
CA VAL B 381 6.86 26.23 -20.16
C VAL B 381 5.42 26.10 -20.63
N TYR B 382 4.69 25.07 -20.18
CA TYR B 382 3.37 24.76 -20.70
C TYR B 382 2.34 24.88 -19.60
N CYS B 383 1.12 25.24 -20.00
CA CYS B 383 -0.05 25.22 -19.13
C CYS B 383 -0.99 24.14 -19.61
N ARG B 384 -1.47 23.32 -18.67
CA ARG B 384 -2.33 22.18 -18.99
C ARG B 384 -3.79 22.59 -18.86
N PHE B 385 -4.49 22.58 -19.97
CA PHE B 385 -5.94 22.76 -20.02
C PHE B 385 -6.58 21.41 -20.31
N LEU B 386 -7.84 21.28 -19.88
CA LEU B 386 -8.68 20.15 -20.23
C LEU B 386 -9.79 20.66 -21.13
N ALA B 387 -9.98 19.99 -22.25
CA ALA B 387 -11.03 20.31 -23.22
C ALA B 387 -12.08 19.22 -23.17
N LYS B 388 -13.31 19.62 -22.87
CA LYS B 388 -14.46 18.73 -22.83
C LYS B 388 -15.31 18.96 -24.06
N TRP B 389 -15.61 17.89 -24.76
CA TRP B 389 -16.40 17.87 -25.99
C TRP B 389 -17.84 17.47 -25.68
N PRO B 390 -18.76 17.63 -26.63
CA PRO B 390 -20.15 17.22 -26.38
C PRO B 390 -20.30 15.77 -25.97
N ASP B 391 -19.43 14.88 -26.43
CA ASP B 391 -19.48 13.47 -26.03
C ASP B 391 -18.76 13.20 -24.70
N ASN B 392 -18.52 14.24 -23.91
CA ASN B 392 -17.93 14.15 -22.57
C ASN B 392 -16.52 13.58 -22.57
N THR B 393 -15.83 13.57 -23.70
CA THR B 393 -14.44 13.14 -23.73
C THR B 393 -13.53 14.32 -23.40
N VAL B 394 -12.67 14.12 -22.41
CA VAL B 394 -11.79 15.16 -21.90
C VAL B 394 -10.38 14.91 -22.42
N HIS B 395 -9.85 15.86 -23.18
CA HIS B 395 -8.52 15.75 -23.77
C HIS B 395 -7.62 16.83 -23.20
N GLU B 396 -6.34 16.50 -23.05
CA GLU B 396 -5.36 17.50 -22.65
C GLU B 396 -5.09 18.46 -23.79
N VAL B 397 -4.87 19.72 -23.43
CA VAL B 397 -4.34 20.73 -24.33
C VAL B 397 -3.19 21.40 -23.59
N TYR B 398 -2.10 21.65 -24.28
CA TYR B 398 -0.94 22.28 -23.65
C TYR B 398 -0.61 23.58 -24.37
N ARG B 399 -0.75 24.70 -23.66
CA ARG B 399 -0.57 26.01 -24.25
C ARG B 399 0.65 26.68 -23.64
N LYS B 400 1.52 27.22 -24.48
CA LYS B 400 2.75 27.81 -24.00
C LYS B 400 2.47 29.08 -23.21
N TRP B 401 3.19 29.24 -22.09
CA TRP B 401 3.02 30.44 -21.26
C TRP B 401 3.41 31.70 -22.02
N GLU B 402 4.53 31.66 -22.75
CA GLU B 402 5.04 32.86 -23.40
C GLU B 402 4.15 33.31 -24.55
N ASN B 403 3.42 32.38 -25.17
CA ASN B 403 2.57 32.71 -26.30
C ASN B 403 1.30 33.45 -25.90
N HIS B 404 0.80 33.23 -24.68
CA HIS B 404 -0.42 33.88 -24.20
C HIS B 404 -0.09 34.55 -22.86
N MET B 405 0.10 35.87 -22.91
CA MET B 405 0.40 36.60 -21.68
C MET B 405 -0.79 36.66 -20.74
N GLU B 406 -2.02 36.72 -21.27
CA GLU B 406 -3.21 36.82 -20.45
C GLU B 406 -3.43 35.60 -19.57
N MET B 407 -2.57 34.58 -19.67
CA MET B 407 -2.62 33.40 -18.83
C MET B 407 -1.81 33.56 -17.54
N ASP B 408 -1.05 34.66 -17.40
CA ASP B 408 -0.05 34.74 -16.35
C ASP B 408 -0.63 34.48 -14.96
N TYR B 409 -1.81 35.02 -14.68
CA TYR B 409 -2.38 34.87 -13.34
C TYR B 409 -2.55 33.41 -12.96
N LEU B 410 -2.96 32.57 -13.91
CA LEU B 410 -3.06 31.13 -13.62
C LEU B 410 -1.75 30.59 -13.10
N LYS B 411 -0.64 30.93 -13.78
CA LYS B 411 0.68 30.55 -13.28
C LYS B 411 0.85 30.97 -11.83
N HIS B 412 0.55 32.23 -11.52
CA HIS B 412 0.71 32.72 -10.16
C HIS B 412 -0.11 31.90 -9.18
N GLU B 413 -1.32 31.48 -9.59
CA GLU B 413 -2.12 30.61 -8.74
C GLU B 413 -1.33 29.37 -8.33
N LEU B 414 -0.76 28.67 -9.31
CA LEU B 414 -0.04 27.44 -9.00
C LEU B 414 1.17 27.71 -8.12
N GLN B 415 1.66 28.96 -8.11
CA GLN B 415 2.81 29.28 -7.29
C GLN B 415 2.42 29.75 -5.90
N ASP B 416 1.19 30.22 -5.72
CA ASP B 416 0.83 30.95 -4.51
C ASP B 416 -0.41 30.43 -3.79
N ASP B 417 -0.99 29.33 -4.24
CA ASP B 417 -2.12 28.75 -3.51
C ASP B 417 -1.65 28.14 -2.19
N LEU B 418 -2.54 28.12 -1.21
CA LEU B 418 -2.20 27.58 0.10
C LEU B 418 -1.89 26.09 0.02
N ARG B 419 -2.65 25.36 -0.81
CA ARG B 419 -2.47 23.89 -0.92
C ARG B 419 -1.12 23.58 -1.61
N ARG B 420 -0.70 24.42 -2.55
CA ARG B 420 0.54 24.18 -3.29
C ARG B 420 1.77 24.70 -2.58
N GLN B 421 1.63 25.33 -1.42
CA GLN B 421 2.80 25.77 -0.67
C GLN B 421 3.67 24.60 -0.24
N ALA B 422 3.08 23.45 0.05
CA ALA B 422 3.83 22.25 0.40
C ALA B 422 4.59 21.67 -0.77
N HIS B 423 4.32 22.14 -1.99
CA HIS B 423 4.89 21.54 -3.19
C HIS B 423 5.68 22.51 -4.03
N ARG B 424 5.55 23.81 -3.80
CA ARG B 424 6.19 24.82 -4.63
C ARG B 424 7.07 25.74 -3.79
N GLY B 425 7.95 26.46 -4.46
CA GLY B 425 8.88 27.34 -3.78
C GLY B 425 8.27 28.67 -3.39
N GLY B 426 9.05 29.45 -2.66
CA GLY B 426 8.61 30.76 -2.20
C GLY B 426 8.93 31.02 -0.74
N GLY B 427 9.29 32.25 -0.43
CA GLY B 427 9.60 32.60 0.96
C GLY B 427 10.80 31.83 1.47
N ALA B 428 10.68 31.30 2.68
CA ALA B 428 11.75 30.56 3.33
C ALA B 428 11.64 29.06 3.12
N ARG B 429 10.69 28.60 2.32
CA ARG B 429 10.51 27.18 2.07
C ARG B 429 11.71 26.60 1.34
N THR B 430 12.16 25.43 1.78
CA THR B 430 13.22 24.68 1.13
C THR B 430 12.76 23.24 0.90
N ALA B 431 12.89 22.78 -0.35
CA ALA B 431 12.39 21.46 -0.70
C ALA B 431 13.10 20.36 0.07
N THR B 432 14.41 20.52 0.28
CA THR B 432 15.21 19.55 1.00
C THR B 432 15.93 20.23 2.15
N SER B 433 16.40 19.41 3.10
CA SER B 433 17.20 19.91 4.22
C SER B 433 18.59 20.34 3.78
N TYR B 434 18.98 20.04 2.55
CA TYR B 434 20.29 20.36 2.01
C TYR B 434 20.14 21.14 0.71
N LYS B 435 21.28 21.41 0.07
CA LYS B 435 21.27 22.07 -1.23
C LYS B 435 21.37 21.02 -2.32
N LEU B 436 20.27 20.84 -3.06
CA LEU B 436 20.19 19.83 -4.11
C LEU B 436 20.23 20.51 -5.47
N SER B 437 21.22 20.14 -6.28
CA SER B 437 21.45 20.79 -7.56
C SER B 437 20.30 20.53 -8.53
N THR B 438 19.97 21.56 -9.30
CA THR B 438 18.92 21.49 -10.31
C THR B 438 19.45 21.12 -11.69
N ILE B 439 20.75 20.86 -11.82
CA ILE B 439 21.30 20.45 -13.10
C ILE B 439 20.83 19.04 -13.41
N MET B 440 20.28 18.85 -14.61
CA MET B 440 19.76 17.56 -15.04
C MET B 440 20.38 17.18 -16.38
N GLY B 441 20.41 15.89 -16.66
CA GLY B 441 20.98 15.39 -17.89
C GLY B 441 21.53 14.00 -17.67
N ASP B 442 22.35 13.56 -18.62
CA ASP B 442 22.94 12.24 -18.54
C ASP B 442 23.86 12.13 -17.33
N ALA B 443 23.89 10.95 -16.73
CA ALA B 443 24.70 10.72 -15.55
C ALA B 443 26.04 10.07 -15.92
N LYS B 444 27.04 10.33 -15.09
CA LYS B 444 28.39 9.83 -15.29
C LYS B 444 28.88 9.12 -14.03
N PRO B 445 29.81 8.17 -14.15
CA PRO B 445 30.34 7.52 -12.95
C PRO B 445 30.94 8.52 -11.99
N VAL B 446 30.72 8.29 -10.70
CA VAL B 446 31.10 9.28 -9.69
C VAL B 446 32.62 9.33 -9.55
N LYS B 447 33.32 8.26 -9.96
CA LYS B 447 34.77 8.25 -9.84
C LYS B 447 35.42 9.30 -10.75
N GLU B 448 35.02 9.32 -12.02
CA GLU B 448 35.59 10.30 -12.95
C GLU B 448 35.13 11.71 -12.60
N VAL B 449 33.91 11.86 -12.08
CA VAL B 449 33.43 13.18 -11.65
C VAL B 449 34.28 13.69 -10.49
N ALA B 450 34.57 12.83 -9.52
CA ALA B 450 35.42 13.24 -8.41
C ALA B 450 36.84 13.54 -8.87
N GLU B 451 37.36 12.73 -9.79
CA GLU B 451 38.72 12.94 -10.27
C GLU B 451 38.85 14.24 -11.06
N GLU B 452 37.83 14.59 -11.83
CA GLU B 452 37.88 15.82 -12.62
C GLU B 452 37.98 17.06 -11.73
N PHE B 453 37.23 17.09 -10.63
CA PHE B 453 37.27 18.23 -9.72
C PHE B 453 38.49 18.16 -8.81
N ARG B 464 32.58 25.05 -9.78
CA ARG B 464 31.41 24.66 -10.57
C ARG B 464 30.61 23.57 -9.87
N GLU B 465 29.31 23.50 -10.16
CA GLU B 465 28.47 22.45 -9.60
C GLU B 465 28.81 21.11 -10.24
N HIS B 466 28.64 20.04 -9.47
CA HIS B 466 28.87 18.70 -10.00
C HIS B 466 27.76 18.30 -10.95
N ASP B 467 28.12 17.58 -12.01
CA ASP B 467 27.15 17.00 -12.91
C ASP B 467 26.48 15.80 -12.22
N PRO B 468 25.33 15.36 -12.74
CA PRO B 468 24.70 14.16 -12.17
C PRO B 468 25.66 12.97 -12.20
N VAL B 469 25.62 12.17 -11.13
CA VAL B 469 26.62 11.14 -10.91
C VAL B 469 25.94 9.78 -10.74
N ILE B 470 26.75 8.74 -10.75
CA ILE B 470 26.32 7.36 -10.54
C ILE B 470 27.11 6.78 -9.39
N LEU B 471 26.42 6.16 -8.44
CA LEU B 471 27.09 5.50 -7.33
C LEU B 471 27.13 3.99 -7.56
N GLU B 472 28.33 3.43 -7.48
CA GLU B 472 28.55 2.01 -7.65
C GLU B 472 28.08 1.26 -6.41
N GLY B 473 27.95 -0.05 -6.54
CA GLY B 473 27.55 -0.87 -5.43
C GLY B 473 26.07 -0.78 -5.14
N TYR B 474 25.74 -1.02 -3.87
CA TYR B 474 24.36 -1.09 -3.42
C TYR B 474 24.19 -0.38 -2.08
N ILE B 475 22.97 0.06 -1.81
CA ILE B 475 22.63 0.73 -0.57
C ILE B 475 21.52 -0.07 0.11
N ALA B 476 21.83 -0.63 1.27
CA ALA B 476 20.83 -1.40 2.02
C ALA B 476 19.83 -0.46 2.67
N CYS B 477 18.56 -0.67 2.40
CA CYS B 477 17.52 0.24 2.85
C CYS B 477 16.43 -0.52 3.60
N ALA B 478 15.96 0.07 4.70
CA ALA B 478 14.79 -0.43 5.40
C ALA B 478 13.51 0.26 4.93
N ASN B 479 13.61 1.52 4.51
CA ASN B 479 12.48 2.29 4.01
C ASN B 479 13.01 3.34 3.05
N ASN B 480 12.09 4.13 2.50
CA ASN B 480 12.48 5.14 1.51
C ASN B 480 13.42 6.19 2.12
N LEU B 481 13.12 6.64 3.33
CA LEU B 481 13.97 7.66 3.95
C LEU B 481 15.36 7.12 4.25
N GLU B 482 15.45 5.86 4.67
CA GLU B 482 16.76 5.25 4.88
C GLU B 482 17.54 5.18 3.57
N ALA B 483 16.87 4.80 2.48
CA ALA B 483 17.53 4.75 1.18
C ALA B 483 18.02 6.13 0.77
N GLU B 484 17.19 7.16 0.96
CA GLU B 484 17.58 8.52 0.58
C GLU B 484 18.75 9.01 1.42
N ALA B 485 18.73 8.75 2.73
CA ALA B 485 19.83 9.16 3.58
C ALA B 485 21.12 8.44 3.20
N GLY B 486 21.03 7.13 2.93
CA GLY B 486 22.21 6.40 2.50
C GLY B 486 22.75 6.90 1.18
N ALA B 487 21.86 7.21 0.23
CA ALA B 487 22.30 7.74 -1.06
C ALA B 487 22.96 9.10 -0.90
N LEU B 488 22.38 9.97 -0.06
CA LEU B 488 22.98 11.29 0.16
C LEU B 488 24.35 11.16 0.81
N ASN B 489 24.47 10.28 1.80
CA ASN B 489 25.76 10.07 2.44
C ASN B 489 26.78 9.50 1.45
N ALA B 490 26.33 8.58 0.59
CA ALA B 490 27.24 8.00 -0.41
C ALA B 490 27.73 9.06 -1.39
N VAL B 491 26.83 9.92 -1.86
CA VAL B 491 27.24 10.98 -2.78
C VAL B 491 28.20 11.94 -2.09
N ARG B 492 27.90 12.32 -0.84
CA ARG B 492 28.76 13.26 -0.13
C ARG B 492 30.14 12.66 0.12
N GLU B 493 30.20 11.35 0.39
CA GLU B 493 31.50 10.72 0.62
C GLU B 493 32.27 10.55 -0.69
N ALA B 494 31.58 10.19 -1.77
CA ALA B 494 32.25 10.00 -3.05
C ALA B 494 32.78 11.30 -3.62
N LEU B 495 32.01 12.39 -3.51
CA LEU B 495 32.43 13.69 -4.01
C LEU B 495 33.13 14.54 -2.97
N GLU B 496 33.30 14.02 -1.75
CA GLU B 496 33.96 14.74 -0.66
C GLU B 496 33.31 16.10 -0.43
N LEU B 497 31.98 16.12 -0.49
CA LEU B 497 31.21 17.34 -0.32
C LEU B 497 31.03 17.66 1.17
N SER B 498 30.84 18.94 1.46
CA SER B 498 30.54 19.36 2.83
C SER B 498 29.03 19.42 3.04
N GLU B 499 28.65 19.75 4.27
CA GLU B 499 27.23 19.85 4.59
C GLU B 499 26.55 21.01 3.90
N ASP B 500 27.32 22.02 3.45
CA ASP B 500 26.75 23.18 2.78
C ASP B 500 26.99 23.17 1.28
N ASP B 501 27.76 22.23 0.75
CA ASP B 501 27.99 22.16 -0.69
C ASP B 501 26.73 21.69 -1.41
N VAL B 502 26.61 22.09 -2.67
CA VAL B 502 25.45 21.73 -3.48
C VAL B 502 25.64 20.32 -4.02
N VAL B 503 24.91 19.37 -3.46
CA VAL B 503 25.00 17.98 -3.90
C VAL B 503 24.27 17.84 -5.23
N PRO B 504 24.78 17.03 -6.16
CA PRO B 504 24.12 16.90 -7.46
C PRO B 504 23.06 15.81 -7.45
N ALA B 505 22.24 15.82 -8.51
CA ALA B 505 21.33 14.71 -8.77
C ALA B 505 22.13 13.42 -8.94
N HIS B 506 21.62 12.32 -8.38
CA HIS B 506 22.44 11.13 -8.32
C HIS B 506 21.65 9.89 -8.71
N GLU B 507 22.36 8.90 -9.23
CA GLU B 507 21.81 7.59 -9.55
C GLU B 507 22.42 6.56 -8.62
N TYR B 508 21.58 5.74 -8.00
CA TYR B 508 22.07 4.74 -7.06
C TYR B 508 21.18 3.50 -7.13
N ARG B 509 21.61 2.46 -6.42
CA ARG B 509 20.89 1.19 -6.37
C ARG B 509 20.48 0.89 -4.93
N ALA B 510 19.24 0.43 -4.76
CA ALA B 510 18.69 0.13 -3.45
C ALA B 510 18.26 -1.33 -3.39
N ALA B 511 18.58 -1.97 -2.26
CA ALA B 511 18.25 -3.37 -2.02
C ALA B 511 17.60 -3.51 -0.65
N SER B 512 16.47 -4.20 -0.60
CA SER B 512 15.79 -4.54 0.63
C SER B 512 15.73 -6.06 0.77
N SER B 513 16.13 -6.57 1.93
CA SER B 513 16.26 -8.01 2.14
C SER B 513 15.17 -8.51 3.07
N HIS B 514 14.49 -9.58 2.66
CA HIS B 514 13.52 -10.27 3.50
C HIS B 514 14.05 -11.67 3.78
N PRO B 515 14.51 -11.98 4.99
CA PRO B 515 15.18 -13.27 5.23
C PRO B 515 14.22 -14.45 5.06
N PHE B 516 14.79 -15.57 4.63
CA PHE B 516 14.06 -16.81 4.40
C PHE B 516 14.76 -17.94 5.13
N ASP B 517 14.01 -18.67 5.95
CA ASP B 517 14.52 -19.83 6.67
C ASP B 517 14.16 -21.10 5.89
N ALA B 518 14.72 -21.20 4.70
CA ALA B 518 14.51 -22.36 3.84
C ALA B 518 15.86 -22.91 3.40
N SER B 519 15.86 -24.18 3.01
CA SER B 519 17.11 -24.83 2.62
C SER B 519 17.65 -24.20 1.34
N THR B 520 18.98 -24.27 1.20
CA THR B 520 19.63 -23.66 0.04
C THR B 520 19.17 -24.31 -1.26
N GLU B 521 18.88 -25.61 -1.23
CA GLU B 521 18.38 -26.28 -2.43
C GLU B 521 17.01 -25.73 -2.83
N VAL B 522 16.16 -25.44 -1.83
CA VAL B 522 14.88 -24.82 -2.14
C VAL B 522 15.09 -23.43 -2.73
N MET B 523 16.06 -22.68 -2.19
CA MET B 523 16.36 -21.36 -2.73
C MET B 523 16.81 -21.44 -4.19
N TYR B 524 17.68 -22.39 -4.51
CA TYR B 524 18.09 -22.60 -5.89
C TYR B 524 16.91 -22.98 -6.77
N GLU B 525 16.00 -23.80 -6.25
CA GLU B 525 14.84 -24.20 -7.05
C GLU B 525 13.93 -23.02 -7.35
N ILE B 526 13.67 -22.16 -6.36
CA ILE B 526 12.86 -20.97 -6.63
C ILE B 526 13.59 -20.02 -7.58
N GLU B 527 14.92 -19.91 -7.43
CA GLU B 527 15.68 -19.06 -8.33
C GLU B 527 15.57 -19.54 -9.77
N ASP B 528 15.64 -20.86 -9.98
CA ASP B 528 15.52 -21.41 -11.33
C ASP B 528 14.09 -21.27 -11.82
N ILE B 529 13.10 -21.33 -10.91
CA ILE B 529 11.71 -21.09 -11.29
C ILE B 529 11.54 -19.66 -11.77
N ARG B 530 12.28 -18.72 -11.18
CA ARG B 530 12.20 -17.33 -11.61
C ARG B 530 12.60 -17.16 -13.07
N LYS B 531 13.68 -17.83 -13.49
CA LYS B 531 14.16 -17.76 -14.86
C LYS B 531 13.26 -18.48 -15.86
N GLU B 532 12.28 -19.23 -15.39
CA GLU B 532 11.44 -20.00 -16.29
C GLU B 532 10.59 -19.07 -17.16
N PRO B 533 10.66 -19.19 -18.49
CA PRO B 533 9.83 -18.33 -19.35
C PRO B 533 8.35 -18.69 -19.34
N ASP B 534 7.98 -19.90 -18.90
CA ASP B 534 6.59 -20.32 -18.92
C ASP B 534 5.95 -20.01 -17.56
N PRO B 535 5.01 -19.07 -17.48
CA PRO B 535 4.38 -18.77 -16.19
C PRO B 535 3.60 -19.94 -15.60
N HIS B 536 2.97 -20.77 -16.44
CA HIS B 536 2.27 -21.94 -15.91
C HIS B 536 3.22 -22.87 -15.18
N LEU B 537 4.39 -23.11 -15.77
CA LEU B 537 5.41 -23.91 -15.10
C LEU B 537 5.88 -23.24 -13.81
N ILE B 538 6.00 -21.91 -13.82
CA ILE B 538 6.40 -21.19 -12.61
C ILE B 538 5.42 -21.47 -11.47
N ALA B 539 4.12 -21.29 -11.76
CA ALA B 539 3.11 -21.50 -10.72
C ALA B 539 3.09 -22.96 -10.27
N LYS B 540 3.10 -23.90 -11.21
CA LYS B 540 3.05 -25.31 -10.85
C LYS B 540 4.23 -25.72 -9.99
N ARG B 541 5.43 -25.26 -10.37
CA ARG B 541 6.64 -25.66 -9.64
C ARG B 541 6.70 -25.01 -8.27
N LEU B 542 6.28 -23.74 -8.16
CA LEU B 542 6.27 -23.11 -6.84
C LEU B 542 5.27 -23.80 -5.91
N LYS B 543 4.07 -24.10 -6.41
CA LYS B 543 3.11 -24.79 -5.58
C LYS B 543 3.58 -26.20 -5.23
N GLN B 544 4.30 -26.86 -6.14
CA GLN B 544 4.81 -28.19 -5.84
C GLN B 544 5.90 -28.13 -4.79
N LEU B 545 6.72 -27.07 -4.80
CA LEU B 545 7.66 -26.83 -3.72
C LEU B 545 6.94 -26.67 -2.40
N MET B 546 5.83 -25.92 -2.41
CA MET B 546 5.04 -25.76 -1.19
C MET B 546 4.48 -27.10 -0.70
N LEU B 547 3.93 -27.91 -1.61
CA LEU B 547 3.14 -29.06 -1.21
C LEU B 547 4.00 -30.18 -0.64
N ASP B 548 5.27 -30.24 -1.01
CA ASP B 548 6.14 -31.30 -0.54
C ASP B 548 6.77 -31.00 0.82
N GLY B 549 6.46 -29.86 1.42
CA GLY B 549 7.06 -29.48 2.68
C GLY B 549 8.46 -28.90 2.53
N LYS B 550 8.97 -28.78 1.31
CA LYS B 550 10.27 -28.18 1.10
C LYS B 550 10.26 -26.69 1.41
N LEU B 551 9.16 -26.01 1.11
CA LEU B 551 8.98 -24.60 1.41
C LEU B 551 7.86 -24.45 2.43
N ALA B 552 8.15 -23.72 3.51
CA ALA B 552 7.13 -23.47 4.53
C ALA B 552 6.01 -22.63 3.96
N GLN B 553 4.80 -22.85 4.48
CA GLN B 553 3.64 -22.14 3.97
C GLN B 553 3.75 -20.63 4.20
N ARG B 554 4.45 -20.23 5.26
CA ARG B 554 4.67 -18.80 5.50
C ARG B 554 5.42 -18.17 4.33
N TYR B 555 6.57 -18.75 3.96
CA TYR B 555 7.38 -18.20 2.90
C TYR B 555 6.71 -18.32 1.53
N TYR B 556 6.03 -19.45 1.29
CA TYR B 556 5.30 -19.61 0.04
C TYR B 556 4.21 -18.55 -0.09
N ARG B 557 3.47 -18.30 0.99
CA ARG B 557 2.41 -17.30 0.93
C ARG B 557 2.98 -15.90 0.77
N PHE B 558 4.14 -15.63 1.38
CA PHE B 558 4.81 -14.35 1.17
C PHE B 558 5.18 -14.16 -0.29
N LEU B 559 5.81 -15.16 -0.90
CA LEU B 559 6.18 -15.07 -2.31
C LEU B 559 4.94 -14.94 -3.19
N VAL B 560 3.87 -15.67 -2.85
CA VAL B 560 2.66 -15.65 -3.67
C VAL B 560 2.00 -14.28 -3.61
N GLU B 561 1.92 -13.67 -2.43
CA GLU B 561 1.31 -12.35 -2.35
C GLU B 561 2.17 -11.31 -3.06
N ARG B 562 3.49 -11.44 -3.00
CA ARG B 562 4.34 -10.52 -3.75
C ARG B 562 4.12 -10.66 -5.25
N LEU B 563 4.08 -11.90 -5.76
CA LEU B 563 3.83 -12.12 -7.18
C LEU B 563 2.47 -11.59 -7.58
N THR B 564 1.45 -11.83 -6.75
CA THR B 564 0.10 -11.37 -7.07
C THR B 564 0.04 -9.85 -7.12
N SER B 565 0.67 -9.19 -6.14
CA SER B 565 0.66 -7.73 -6.13
C SER B 565 1.37 -7.17 -7.34
N ALA B 566 2.50 -7.75 -7.73
CA ALA B 566 3.22 -7.25 -8.89
C ALA B 566 2.44 -7.49 -10.18
N VAL B 567 1.80 -8.65 -10.32
CA VAL B 567 1.02 -8.93 -11.50
C VAL B 567 -0.16 -7.97 -11.60
N ASN B 568 -0.84 -7.73 -10.48
CA ASN B 568 -1.95 -6.78 -10.48
C ASN B 568 -1.48 -5.36 -10.79
N GLU B 569 -0.32 -4.98 -10.26
CA GLU B 569 0.24 -3.67 -10.56
C GLU B 569 0.52 -3.52 -12.05
N PHE B 570 1.13 -4.54 -12.66
CA PHE B 570 1.41 -4.48 -14.09
C PHE B 570 0.13 -4.42 -14.91
N LEU B 571 -0.88 -5.20 -14.52
CA LEU B 571 -2.15 -5.18 -15.24
C LEU B 571 -2.81 -3.81 -15.14
N ALA B 572 -2.79 -3.20 -13.95
CA ALA B 572 -3.48 -1.94 -13.76
C ALA B 572 -2.75 -0.76 -14.41
N ASP B 573 -1.42 -0.72 -14.29
CA ASP B 573 -0.68 0.44 -14.77
C ASP B 573 -0.17 0.26 -16.19
N SER B 574 0.67 -0.76 -16.41
CA SER B 574 1.31 -0.97 -17.70
C SER B 574 0.32 -1.31 -18.81
N MET B 575 -0.67 -2.15 -18.52
CA MET B 575 -1.61 -2.63 -19.52
C MET B 575 -2.97 -1.97 -19.43
N SER B 576 -3.23 -1.18 -18.40
CA SER B 576 -4.49 -0.45 -18.25
C SER B 576 -5.70 -1.38 -18.27
N GLN B 577 -5.51 -2.59 -17.72
CA GLN B 577 -6.57 -3.58 -17.65
C GLN B 577 -7.23 -3.54 -16.28
N LYS B 578 -8.56 -3.62 -16.26
CA LYS B 578 -9.32 -3.66 -15.02
C LYS B 578 -9.41 -5.06 -14.44
N VAL B 579 -8.54 -5.97 -14.84
CA VAL B 579 -8.60 -7.36 -14.40
C VAL B 579 -7.57 -7.60 -13.31
N THR B 580 -7.99 -8.29 -12.26
CA THR B 580 -7.14 -8.59 -11.12
C THR B 580 -7.19 -10.08 -10.80
N ILE B 581 -6.13 -10.56 -10.18
CA ILE B 581 -6.04 -11.95 -9.75
C ILE B 581 -5.85 -11.98 -8.24
N ASP B 582 -6.47 -12.97 -7.60
CA ASP B 582 -6.38 -13.13 -6.16
C ASP B 582 -5.05 -13.72 -5.70
N ASP B 583 -4.51 -14.68 -6.45
CA ASP B 583 -3.24 -15.29 -6.08
C ASP B 583 -2.60 -15.90 -7.32
N PHE B 584 -1.27 -15.76 -7.42
CA PHE B 584 -0.56 -16.06 -8.66
C PHE B 584 -0.61 -17.55 -9.00
N CYS B 585 -0.26 -18.40 -8.04
CA CYS B 585 0.01 -19.81 -8.35
C CYS B 585 -1.23 -20.58 -8.78
N GLU B 586 -2.43 -20.09 -8.46
CA GLU B 586 -3.64 -20.77 -8.88
C GLU B 586 -4.39 -20.06 -10.00
N ASP B 587 -3.99 -18.83 -10.34
CA ASP B 587 -4.76 -18.02 -11.26
C ASP B 587 -3.96 -17.45 -12.42
N ILE B 588 -2.65 -17.69 -12.49
CA ILE B 588 -1.89 -17.15 -13.62
C ILE B 588 -2.33 -17.78 -14.93
N GLY B 589 -2.59 -19.09 -14.92
CA GLY B 589 -3.07 -19.75 -16.13
C GLY B 589 -4.44 -19.25 -16.55
N ASP B 590 -5.34 -19.05 -15.58
CA ASP B 590 -6.66 -18.52 -15.89
C ASP B 590 -6.54 -17.11 -16.47
N LEU B 591 -5.67 -16.28 -15.88
CA LEU B 591 -5.48 -14.93 -16.39
C LEU B 591 -4.93 -14.94 -17.82
N ILE B 592 -3.97 -15.82 -18.09
CA ILE B 592 -3.41 -15.89 -19.43
C ILE B 592 -4.44 -16.38 -20.43
N ALA B 593 -5.25 -17.36 -20.05
CA ALA B 593 -6.32 -17.82 -20.94
C ALA B 593 -7.32 -16.71 -21.20
N TYR B 594 -7.64 -15.93 -20.17
CA TYR B 594 -8.55 -14.80 -20.33
C TYR B 594 -7.98 -13.77 -21.28
N LEU B 595 -6.67 -13.52 -21.19
CA LEU B 595 -6.04 -12.56 -22.10
C LEU B 595 -5.96 -13.11 -23.52
N ILE B 596 -5.83 -14.43 -23.66
CA ILE B 596 -5.94 -15.06 -24.98
C ILE B 596 -7.33 -14.80 -25.55
N GLY B 597 -8.36 -15.00 -24.75
CA GLY B 597 -9.71 -15.03 -25.28
C GLY B 597 -10.31 -13.64 -25.51
N LYS B 598 -10.25 -12.79 -24.48
CA LYS B 598 -11.00 -11.54 -24.48
C LYS B 598 -10.21 -10.35 -24.99
N LYS B 599 -8.90 -10.32 -24.79
CA LYS B 599 -8.08 -9.17 -25.17
C LYS B 599 -7.22 -9.39 -26.39
N GLY B 600 -7.43 -10.45 -27.13
CA GLY B 600 -6.67 -10.70 -28.34
C GLY B 600 -5.33 -11.35 -28.05
N LYS B 601 -4.70 -11.84 -29.12
CA LYS B 601 -3.43 -12.54 -28.97
C LYS B 601 -2.31 -11.59 -28.55
N SER B 602 -2.17 -10.46 -29.23
CA SER B 602 -0.98 -9.61 -29.08
C SER B 602 -0.84 -9.09 -27.66
N VAL B 603 -1.93 -8.66 -27.04
CA VAL B 603 -1.89 -8.19 -25.66
C VAL B 603 -1.39 -9.30 -24.74
N ALA B 604 -1.87 -10.51 -24.95
CA ALA B 604 -1.42 -11.64 -24.15
C ALA B 604 0.05 -11.95 -24.39
N ASP B 605 0.53 -11.83 -25.63
CA ASP B 605 1.95 -12.08 -25.88
C ASP B 605 2.83 -11.04 -25.20
N LYS B 606 2.42 -9.77 -25.21
CA LYS B 606 3.25 -8.77 -24.52
C LYS B 606 3.20 -8.99 -23.02
N PHE B 607 2.05 -9.40 -22.48
CA PHE B 607 1.99 -9.75 -21.06
C PHE B 607 2.92 -10.91 -20.73
N THR B 608 2.91 -11.94 -21.58
CA THR B 608 3.78 -13.11 -21.35
C THR B 608 5.25 -12.73 -21.45
N ALA B 609 5.59 -11.86 -22.40
CA ALA B 609 6.96 -11.38 -22.52
C ALA B 609 7.38 -10.53 -21.33
N SER B 610 6.46 -9.81 -20.71
CA SER B 610 6.76 -9.03 -19.52
C SER B 610 6.71 -9.85 -18.24
N ILE B 611 6.13 -11.05 -18.29
CA ILE B 611 6.06 -11.96 -17.14
C ILE B 611 7.43 -12.18 -16.52
N PRO B 612 8.50 -12.40 -17.30
CA PRO B 612 9.83 -12.50 -16.67
C PRO B 612 10.20 -11.29 -15.84
N PHE B 613 9.86 -10.08 -16.30
CA PHE B 613 10.15 -8.88 -15.52
C PHE B 613 9.41 -8.89 -14.19
N ILE B 614 8.13 -9.25 -14.22
CA ILE B 614 7.32 -9.28 -13.00
C ILE B 614 7.88 -10.31 -12.03
N VAL B 615 8.18 -11.51 -12.52
CA VAL B 615 8.65 -12.57 -11.64
C VAL B 615 10.04 -12.24 -11.10
N GLY B 616 10.90 -11.62 -11.92
CA GLY B 616 12.20 -11.21 -11.44
C GLY B 616 12.13 -10.15 -10.37
N ARG B 617 11.24 -9.18 -10.54
CA ARG B 617 11.04 -8.17 -9.49
C ARG B 617 10.49 -8.78 -8.21
N SER B 618 9.51 -9.68 -8.31
CA SER B 618 8.83 -10.21 -7.15
C SER B 618 9.60 -11.32 -6.42
N MET B 619 10.41 -12.10 -7.13
CA MET B 619 10.90 -13.35 -6.59
C MET B 619 12.42 -13.44 -6.76
N CYS B 620 13.08 -12.29 -6.72
CA CYS B 620 14.54 -12.28 -6.79
C CYS B 620 15.12 -12.87 -5.51
N VAL B 621 15.98 -13.88 -5.66
CA VAL B 621 16.49 -14.65 -4.53
C VAL B 621 17.96 -14.35 -4.35
N ASN B 622 18.35 -14.01 -3.12
CA ASN B 622 19.74 -13.86 -2.73
C ASN B 622 20.11 -15.05 -1.87
N ILE B 623 21.20 -15.72 -2.21
CA ILE B 623 21.63 -16.94 -1.53
C ILE B 623 23.04 -16.70 -1.02
N ASP B 624 23.15 -16.32 0.24
CA ASP B 624 24.44 -16.09 0.89
C ASP B 624 24.50 -16.91 2.17
N PRO B 625 25.39 -17.91 2.26
CA PRO B 625 25.43 -18.74 3.48
C PRO B 625 25.84 -17.99 4.73
N GLU B 626 26.48 -16.82 4.61
CA GLU B 626 26.93 -16.09 5.79
C GLU B 626 25.77 -15.51 6.61
N GLU B 627 25.00 -14.60 6.02
CA GLU B 627 23.88 -14.00 6.75
C GLU B 627 22.53 -14.58 6.36
N GLY B 628 22.51 -15.69 5.63
CA GLY B 628 21.28 -16.37 5.34
C GLY B 628 20.69 -15.97 4.00
N ASN B 629 19.81 -16.83 3.49
CA ASN B 629 19.13 -16.58 2.22
C ASN B 629 18.01 -15.58 2.42
N SER B 630 17.63 -14.90 1.34
CA SER B 630 16.61 -13.86 1.45
C SER B 630 15.98 -13.59 0.08
N ILE B 631 14.91 -12.82 0.12
CA ILE B 631 14.26 -12.31 -1.08
C ILE B 631 14.57 -10.82 -1.19
N LEU B 632 14.91 -10.36 -2.40
CA LEU B 632 15.39 -9.00 -2.60
C LEU B 632 14.34 -8.14 -3.30
N ASP B 633 14.15 -6.94 -2.78
CA ASP B 633 13.51 -5.84 -3.49
C ASP B 633 14.64 -4.97 -4.04
N LEU B 634 14.85 -5.01 -5.34
CA LEU B 634 15.94 -4.31 -6.00
C LEU B 634 15.40 -3.17 -6.86
N SER B 635 16.05 -2.02 -6.78
CA SER B 635 15.63 -0.89 -7.60
C SER B 635 16.83 0.00 -7.92
N VAL B 636 16.68 0.78 -8.99
CA VAL B 636 17.62 1.83 -9.34
C VAL B 636 16.87 3.15 -9.26
N ARG B 637 17.47 4.14 -8.60
CA ARG B 637 16.80 5.39 -8.27
C ARG B 637 17.65 6.56 -8.71
N PHE B 638 16.99 7.55 -9.31
CA PHE B 638 17.61 8.79 -9.75
C PHE B 638 16.99 9.94 -8.97
N GLN B 639 17.73 10.49 -8.02
CA GLN B 639 17.28 11.64 -7.24
C GLN B 639 17.62 12.91 -7.99
N THR B 640 16.60 13.67 -8.37
CA THR B 640 16.73 14.93 -9.07
C THR B 640 16.51 16.10 -8.13
N GLY B 641 17.02 17.26 -8.54
CA GLY B 641 16.82 18.49 -7.80
C GLY B 641 15.52 19.21 -8.09
N TRP B 642 14.66 18.65 -8.93
CA TRP B 642 13.41 19.29 -9.30
C TRP B 642 12.28 18.73 -8.45
N ARG B 643 11.41 19.62 -8.00
CA ARG B 643 10.22 19.19 -7.28
C ARG B 643 9.21 18.56 -8.24
N LEU B 644 8.23 17.86 -7.67
CA LEU B 644 7.27 17.15 -8.50
C LEU B 644 6.47 18.13 -9.36
N GLU B 645 6.10 19.28 -8.80
CA GLU B 645 5.35 20.27 -9.55
C GLU B 645 6.22 21.14 -10.45
N GLU B 646 7.55 21.00 -10.37
CA GLU B 646 8.44 21.64 -11.33
C GLU B 646 8.84 20.71 -12.46
N LEU B 647 8.90 19.41 -12.20
CA LEU B 647 9.10 18.40 -13.24
C LEU B 647 7.83 18.13 -14.03
N SER B 648 6.68 18.18 -13.38
CA SER B 648 5.43 17.75 -13.96
C SER B 648 4.32 18.72 -13.63
N CYS B 649 3.29 18.74 -14.48
CA CYS B 649 2.06 19.44 -14.16
C CYS B 649 1.27 18.63 -13.15
N LEU B 650 0.06 19.12 -12.82
CA LEU B 650 -0.76 18.48 -11.81
C LEU B 650 -1.35 17.15 -12.26
N ASN B 651 -1.28 16.83 -13.56
CA ASN B 651 -1.83 15.56 -14.04
C ASN B 651 -1.15 14.36 -13.39
N ILE B 652 0.08 14.51 -12.90
CA ILE B 652 0.77 13.42 -12.22
C ILE B 652 -0.02 12.96 -11.00
N TYR B 653 -0.85 13.84 -10.43
CA TYR B 653 -1.70 13.46 -9.31
C TYR B 653 -3.00 12.82 -9.75
N THR B 654 -3.47 13.13 -10.96
CA THR B 654 -4.78 12.65 -11.39
C THR B 654 -4.70 11.42 -12.27
N GLU B 655 -3.51 11.02 -12.70
CA GLU B 655 -3.33 9.89 -13.58
C GLU B 655 -2.48 8.81 -12.91
N LYS B 656 -2.75 7.56 -13.27
CA LYS B 656 -1.92 6.47 -12.78
C LYS B 656 -0.49 6.61 -13.26
N ALA B 657 -0.29 6.97 -14.52
CA ALA B 657 1.04 7.17 -15.06
C ALA B 657 0.98 8.20 -16.19
N VAL B 658 2.12 8.81 -16.47
CA VAL B 658 2.25 9.82 -17.52
C VAL B 658 3.26 9.35 -18.54
N LEU B 659 2.92 9.51 -19.82
CA LEU B 659 3.74 9.07 -20.93
C LEU B 659 4.82 10.09 -21.25
N ILE B 660 5.96 9.60 -21.69
CA ILE B 660 7.08 10.46 -22.10
C ILE B 660 7.09 10.51 -23.62
N SER B 661 6.84 11.68 -24.17
CA SER B 661 6.80 11.91 -25.60
C SER B 661 8.00 12.74 -26.04
N LYS B 662 8.03 13.10 -27.32
CA LYS B 662 9.07 13.99 -27.83
C LYS B 662 8.95 15.39 -27.25
N LEU B 663 7.73 15.88 -27.04
CA LEU B 663 7.52 17.19 -26.43
C LEU B 663 7.96 17.25 -24.98
N THR B 664 8.10 16.10 -24.32
CA THR B 664 8.57 16.06 -22.95
C THR B 664 10.02 16.56 -22.89
N GLU B 665 10.39 17.11 -21.73
CA GLU B 665 11.72 17.65 -21.55
C GLU B 665 12.76 16.56 -21.82
N PRO B 666 13.72 16.80 -22.71
CA PRO B 666 14.64 15.72 -23.11
C PRO B 666 15.52 15.21 -21.98
N LYS B 667 15.72 16.00 -20.92
CA LYS B 667 16.64 15.58 -19.87
C LYS B 667 16.11 14.39 -19.08
N ILE B 668 14.79 14.35 -18.81
CA ILE B 668 14.24 13.20 -18.10
C ILE B 668 14.32 11.96 -18.97
N THR B 669 14.11 12.11 -20.29
CA THR B 669 14.31 11.00 -21.20
C THR B 669 15.76 10.53 -21.17
N GLN B 670 16.70 11.47 -21.08
CA GLN B 670 18.11 11.10 -21.03
C GLN B 670 18.43 10.32 -19.77
N VAL B 671 17.93 10.75 -18.61
CA VAL B 671 18.23 10.05 -17.36
C VAL B 671 17.60 8.66 -17.37
N ILE B 672 16.38 8.55 -17.92
CA ILE B 672 15.73 7.23 -17.97
C ILE B 672 16.45 6.31 -18.95
N MET B 673 16.90 6.85 -20.09
CA MET B 673 17.67 6.05 -21.04
C MET B 673 18.98 5.57 -20.43
N GLY B 674 19.66 6.45 -19.67
CA GLY B 674 20.88 6.03 -19.01
C GLY B 674 20.64 4.94 -17.99
N MET B 675 19.56 5.08 -17.20
CA MET B 675 19.21 4.04 -16.24
C MET B 675 18.93 2.71 -16.94
N ALA B 676 18.19 2.76 -18.05
CA ALA B 676 17.86 1.55 -18.79
C ALA B 676 19.10 0.91 -19.38
N LYS B 677 20.01 1.71 -19.93
CA LYS B 677 21.25 1.17 -20.48
C LYS B 677 22.10 0.52 -19.39
N ARG B 678 22.18 1.14 -18.21
CA ARG B 678 22.96 0.54 -17.14
C ARG B 678 22.30 -0.73 -16.61
N LEU B 679 20.97 -0.79 -16.63
CA LEU B 679 20.30 -2.04 -16.27
C LEU B 679 20.57 -3.13 -17.29
N ASN B 680 20.53 -2.80 -18.57
CA ASN B 680 20.70 -3.79 -19.63
C ASN B 680 22.14 -4.25 -19.78
N SER B 681 23.10 -3.60 -19.13
CA SER B 681 24.49 -4.00 -19.23
C SER B 681 24.85 -5.18 -18.33
N SER B 682 23.91 -5.65 -17.51
CA SER B 682 24.17 -6.77 -16.63
C SER B 682 24.22 -8.08 -17.42
N LYS B 683 24.53 -9.16 -16.70
CA LYS B 683 24.58 -10.48 -17.32
C LYS B 683 23.19 -10.89 -17.76
N ASP B 684 23.06 -11.22 -19.06
CA ASP B 684 21.79 -11.62 -19.68
C ASP B 684 20.71 -10.57 -19.50
N SER B 685 21.10 -9.32 -19.22
CA SER B 685 20.17 -8.22 -18.94
C SER B 685 19.25 -8.56 -17.77
N ASP B 686 19.70 -9.50 -16.92
CA ASP B 686 18.86 -9.99 -15.84
C ASP B 686 18.46 -8.89 -14.87
N ASP B 687 19.33 -7.89 -14.68
CA ASP B 687 18.98 -6.76 -13.82
C ASP B 687 17.75 -6.03 -14.34
N ALA B 688 17.65 -5.85 -15.65
CA ALA B 688 16.47 -5.20 -16.22
C ALA B 688 15.21 -6.00 -15.92
N ARG B 689 15.39 -7.26 -15.51
CA ARG B 689 14.22 -8.12 -15.22
C ARG B 689 13.94 -8.16 -13.71
N THR B 690 14.88 -7.71 -12.88
CA THR B 690 14.70 -7.84 -11.45
C THR B 690 14.72 -6.51 -10.70
N HIS B 691 14.89 -5.39 -11.37
CA HIS B 691 15.02 -4.09 -10.73
C HIS B 691 13.85 -3.19 -11.12
N LYS B 692 13.23 -2.57 -10.12
CA LYS B 692 12.33 -1.47 -10.37
C LYS B 692 13.12 -0.20 -10.65
N MET B 693 12.45 0.78 -11.24
CA MET B 693 13.08 2.02 -11.66
C MET B 693 12.34 3.19 -11.03
N TYR B 694 13.08 4.13 -10.46
CA TYR B 694 12.46 5.25 -9.76
C TYR B 694 13.20 6.55 -10.07
N ILE B 695 12.43 7.62 -10.20
CA ILE B 695 12.96 8.99 -10.15
C ILE B 695 12.37 9.66 -8.93
N ILE B 696 13.23 10.14 -8.05
CA ILE B 696 12.82 10.80 -6.82
C ILE B 696 12.98 12.29 -6.99
N THR B 697 11.87 13.02 -6.90
CA THR B 697 11.89 14.47 -6.94
C THR B 697 12.51 15.02 -5.65
N ALA B 698 12.84 16.31 -5.67
CA ALA B 698 13.47 16.93 -4.52
C ALA B 698 12.58 16.87 -3.29
N ASP B 699 11.29 17.16 -3.45
CA ASP B 699 10.37 17.15 -2.32
C ASP B 699 9.88 15.76 -1.94
N GLY B 700 10.51 14.71 -2.45
CA GLY B 700 10.27 13.37 -1.95
C GLY B 700 9.27 12.52 -2.69
N SER B 701 8.81 12.94 -3.86
CA SER B 701 7.89 12.11 -4.64
C SER B 701 8.65 11.06 -5.42
N TYR B 702 8.12 9.85 -5.45
CA TYR B 702 8.71 8.73 -6.17
C TYR B 702 7.90 8.50 -7.45
N LEU B 703 8.59 8.41 -8.58
CA LEU B 703 7.97 8.15 -9.87
C LEU B 703 8.59 6.89 -10.45
N GLN B 704 7.85 5.79 -10.44
CA GLN B 704 8.34 4.55 -11.00
C GLN B 704 8.32 4.63 -12.53
N VAL B 705 9.46 4.31 -13.13
CA VAL B 705 9.59 4.22 -14.57
C VAL B 705 9.14 2.83 -15.00
N ILE B 706 8.00 2.77 -15.69
CA ILE B 706 7.41 1.52 -16.12
C ILE B 706 7.24 1.55 -17.63
N ARG B 707 6.85 0.42 -18.18
CA ARG B 707 6.65 0.28 -19.62
C ARG B 707 5.16 0.31 -19.92
N GLY B 708 4.80 0.81 -21.10
CA GLY B 708 3.41 0.89 -21.51
C GLY B 708 3.11 -0.08 -22.65
N ALA B 709 1.98 -0.78 -22.52
CA ALA B 709 1.59 -1.79 -23.49
C ALA B 709 0.69 -1.23 -24.59
N LEU B 710 0.01 -0.11 -24.37
CA LEU B 710 -0.89 0.43 -25.38
C LEU B 710 -0.15 1.22 -26.46
N VAL B 711 1.12 1.54 -26.22
CA VAL B 711 1.96 2.24 -27.19
C VAL B 711 3.31 1.55 -27.23
N ASP B 712 3.82 1.31 -28.43
CA ASP B 712 5.09 0.61 -28.59
C ASP B 712 6.23 1.46 -28.04
N ASN B 713 7.12 0.82 -27.26
CA ASN B 713 8.28 1.47 -26.66
C ASN B 713 7.88 2.67 -25.79
N ALA B 714 6.71 2.59 -25.17
CA ALA B 714 6.24 3.69 -24.34
C ALA B 714 6.82 3.60 -22.94
N VAL B 715 7.33 4.71 -22.44
CA VAL B 715 7.90 4.81 -21.10
C VAL B 715 6.99 5.70 -20.26
N LEU B 716 6.61 5.21 -19.08
CA LEU B 716 5.66 5.90 -18.23
C LEU B 716 6.28 6.20 -16.87
N LEU B 717 5.83 7.28 -16.27
CA LEU B 717 6.17 7.63 -14.90
C LEU B 717 4.91 7.52 -14.04
N LYS B 718 4.96 6.68 -13.03
CA LYS B 718 3.82 6.42 -12.15
C LYS B 718 4.14 6.92 -10.75
N LEU B 719 3.31 7.83 -10.24
CA LEU B 719 3.56 8.42 -8.93
C LEU B 719 3.26 7.41 -7.84
N ILE B 720 4.22 7.17 -6.97
CA ILE B 720 4.07 6.23 -5.87
C ILE B 720 3.31 6.92 -4.74
N LYS B 721 2.18 6.35 -4.35
CA LYS B 721 1.34 6.94 -3.32
C LYS B 721 1.32 6.09 -2.06
#